data_5EQ4
#
_entry.id   5EQ4
#
_cell.length_a   44.700
_cell.length_b   88.055
_cell.length_c   199.214
_cell.angle_alpha   90.000
_cell.angle_beta   90.000
_cell.angle_gamma   90.000
#
_symmetry.space_group_name_H-M   'P 21 21 21'
#
loop_
_entity.id
_entity.type
_entity.pdbx_description
1 polymer 'Platelet-binding glycoprotein'
2 non-polymer 'CALCIUM ION'
3 non-polymer 'ACETATE ION'
4 water water
#
_entity_poly.entity_id   1
_entity_poly.type   'polypeptide(L)'
_entity_poly.pdbx_seq_one_letter_code
;RRATDTTPPTITVPSDIIAYRGEEFEFYFEITDDSGQVKNIELSTFGKPLGLNWLEYSEDNFNVPGNATSDNPLRVRVHG
TVPLNEPIPADKNRAQFTETIRAWDAAGNVSSNITFVIKYRAQTDKYNPADPTITYVDRLSSLSPSEKNAVEAAVRAANP
QIPAAARITVSANGTVTITYPDSSTDTITANRVVKDLASSR
;
_entity_poly.pdbx_strand_id   A,B,C,D
#
# COMPACT_ATOMS: atom_id res chain seq x y z
N THR A 4 59.13 -33.01 17.48
CA THR A 4 58.54 -31.71 17.79
C THR A 4 57.58 -31.27 16.70
N ASP A 5 56.33 -30.99 17.07
CA ASP A 5 55.32 -30.56 16.12
C ASP A 5 55.63 -29.15 15.63
N THR A 6 55.85 -29.03 14.31
CA THR A 6 55.99 -27.73 13.68
C THR A 6 55.04 -27.56 12.49
N THR A 7 54.09 -28.49 12.31
CA THR A 7 53.18 -28.46 11.18
C THR A 7 51.87 -27.82 11.58
N PRO A 8 51.43 -26.78 10.87
CA PRO A 8 50.15 -26.14 11.19
C PRO A 8 48.98 -27.04 10.78
N PRO A 9 47.80 -26.81 11.35
CA PRO A 9 46.65 -27.62 10.97
C PRO A 9 46.20 -27.34 9.53
N THR A 10 45.39 -28.26 9.01
CA THR A 10 44.85 -28.17 7.66
C THR A 10 43.35 -27.94 7.75
N ILE A 11 42.84 -26.99 6.96
CA ILE A 11 41.44 -26.59 7.01
C ILE A 11 40.78 -26.87 5.66
N THR A 12 39.64 -27.55 5.71
CA THR A 12 38.80 -27.77 4.54
C THR A 12 37.59 -26.85 4.62
N VAL A 13 37.39 -26.04 3.60
CA VAL A 13 36.27 -25.10 3.58
C VAL A 13 35.28 -25.50 2.48
N PRO A 14 33.99 -25.27 2.70
CA PRO A 14 33.03 -25.41 1.60
C PRO A 14 33.20 -24.28 0.60
N SER A 15 32.80 -24.54 -0.65
CA SER A 15 33.13 -23.65 -1.75
C SER A 15 31.97 -22.82 -2.26
N ASP A 16 30.75 -23.31 -2.16
CA ASP A 16 29.59 -22.65 -2.76
C ASP A 16 28.56 -22.35 -1.66
N ILE A 17 28.96 -21.52 -0.70
CA ILE A 17 28.07 -21.10 0.38
C ILE A 17 27.20 -19.96 -0.13
N ILE A 18 25.90 -20.22 -0.28
CA ILE A 18 24.94 -19.21 -0.73
C ILE A 18 23.90 -19.03 0.36
N ALA A 19 23.61 -17.78 0.69
CA ALA A 19 22.65 -17.44 1.74
C ALA A 19 21.66 -16.41 1.20
N TYR A 20 20.51 -16.34 1.86
CA TYR A 20 19.48 -15.37 1.51
C TYR A 20 19.19 -14.51 2.74
N ARG A 21 18.91 -13.23 2.49
CA ARG A 21 18.79 -12.27 3.58
C ARG A 21 17.65 -12.66 4.52
N GLY A 22 17.92 -12.55 5.82
CA GLY A 22 16.95 -12.88 6.84
C GLY A 22 16.69 -14.35 7.05
N GLU A 23 17.43 -15.23 6.37
CA GLU A 23 17.24 -16.68 6.49
C GLU A 23 18.51 -17.31 7.03
N GLU A 24 18.36 -18.10 8.08
CA GLU A 24 19.51 -18.75 8.72
C GLU A 24 20.11 -19.82 7.81
N PHE A 25 21.43 -19.82 7.72
CA PHE A 25 22.17 -20.81 6.94
C PHE A 25 23.19 -21.50 7.83
N GLU A 26 23.69 -22.65 7.37
CA GLU A 26 24.67 -23.41 8.12
C GLU A 26 25.67 -24.05 7.17
N PHE A 27 26.87 -24.27 7.68
CA PHE A 27 27.91 -25.01 6.97
C PHE A 27 28.93 -25.50 7.99
N TYR A 28 29.80 -26.40 7.55
CA TYR A 28 30.75 -27.06 8.43
C TYR A 28 32.18 -26.79 7.94
N PHE A 29 33.06 -26.42 8.87
CA PHE A 29 34.49 -26.47 8.64
C PHE A 29 35.03 -27.84 9.03
N GLU A 30 36.11 -28.26 8.37
CA GLU A 30 36.81 -29.49 8.71
C GLU A 30 38.28 -29.17 8.90
N ILE A 31 38.80 -29.44 10.10
CA ILE A 31 40.16 -29.11 10.47
C ILE A 31 40.89 -30.38 10.92
N THR A 32 42.09 -30.58 10.40
CA THR A 32 42.93 -31.71 10.77
C THR A 32 44.32 -31.21 11.14
N ASP A 33 44.98 -31.96 12.02
CA ASP A 33 46.38 -31.70 12.37
C ASP A 33 47.11 -33.03 12.48
N ASP A 34 48.41 -33.00 12.18
CA ASP A 34 49.20 -34.22 12.22
C ASP A 34 49.27 -34.81 13.62
N SER A 35 49.18 -33.97 14.66
CA SER A 35 49.17 -34.45 16.03
C SER A 35 47.83 -35.06 16.43
N GLY A 36 46.78 -34.84 15.64
CA GLY A 36 45.46 -35.31 16.00
C GLY A 36 44.71 -34.40 16.95
N GLN A 37 45.22 -33.21 17.23
CA GLN A 37 44.60 -32.31 18.18
C GLN A 37 44.63 -30.89 17.65
N VAL A 38 43.49 -30.20 17.73
CA VAL A 38 43.37 -28.80 17.34
C VAL A 38 42.89 -28.02 18.55
N LYS A 39 43.58 -26.91 18.85
CA LYS A 39 43.30 -26.16 20.08
C LYS A 39 42.12 -25.22 19.89
N ASN A 40 42.23 -24.29 18.94
CA ASN A 40 41.19 -23.27 18.76
C ASN A 40 41.22 -22.78 17.32
N ILE A 41 40.16 -22.07 16.94
CA ILE A 41 40.04 -21.48 15.62
C ILE A 41 39.66 -20.01 15.77
N GLU A 42 39.84 -19.25 14.69
CA GLU A 42 39.56 -17.82 14.67
C GLU A 42 38.95 -17.45 13.34
N LEU A 43 37.80 -16.77 13.38
CA LEU A 43 37.12 -16.35 12.16
C LEU A 43 37.36 -14.86 11.89
N TRP A 54 29.27 -12.20 13.47
CA TRP A 54 27.87 -12.46 13.16
C TRP A 54 27.67 -13.94 12.81
N LEU A 55 28.75 -14.72 12.88
CA LEU A 55 28.74 -16.16 12.66
C LEU A 55 28.94 -16.88 13.99
N GLU A 56 28.09 -17.87 14.26
CA GLU A 56 28.08 -18.57 15.54
C GLU A 56 28.53 -20.01 15.36
N TYR A 57 29.24 -20.52 16.36
CA TYR A 57 29.73 -21.90 16.37
C TYR A 57 30.05 -22.29 17.80
N SER A 58 29.99 -23.58 18.07
CA SER A 58 30.23 -24.11 19.42
C SER A 58 31.68 -24.53 19.55
N GLU A 59 32.33 -24.08 20.63
CA GLU A 59 33.70 -24.48 20.96
C GLU A 59 33.76 -25.84 21.64
N ASP A 60 32.71 -26.66 21.52
CA ASP A 60 32.73 -27.98 22.10
C ASP A 60 33.79 -28.86 21.43
N ASN A 61 34.37 -29.76 22.23
CA ASN A 61 35.42 -30.68 21.80
C ASN A 61 36.68 -29.98 21.30
N PHE A 62 36.83 -28.69 21.58
CA PHE A 62 38.06 -27.99 21.26
C PHE A 62 39.15 -28.33 22.26
N ASN A 63 40.39 -28.41 21.77
CA ASN A 63 41.56 -28.66 22.61
C ASN A 63 41.42 -29.98 23.37
N VAL A 64 40.87 -30.99 22.72
CA VAL A 64 40.74 -32.33 23.26
C VAL A 64 41.64 -33.26 22.46
N PRO A 65 42.46 -34.10 23.09
CA PRO A 65 43.31 -35.03 22.34
C PRO A 65 42.48 -35.95 21.46
N GLY A 66 42.89 -36.07 20.20
CA GLY A 66 42.19 -36.93 19.26
C GLY A 66 40.96 -36.34 18.63
N ASN A 67 40.78 -35.02 18.72
CA ASN A 67 39.59 -34.37 18.17
C ASN A 67 39.72 -34.04 16.69
N ALA A 68 40.89 -34.17 16.10
CA ALA A 68 41.12 -33.77 14.72
C ALA A 68 42.08 -34.75 14.04
N THR A 69 41.74 -36.04 14.09
CA THR A 69 42.51 -37.03 13.38
C THR A 69 42.15 -37.03 11.90
N SER A 70 42.92 -37.77 11.10
CA SER A 70 42.59 -37.91 9.69
C SER A 70 41.34 -38.77 9.49
N ASP A 71 41.12 -39.74 10.38
CA ASP A 71 39.90 -40.53 10.31
C ASP A 71 38.67 -39.70 10.68
N ASN A 72 38.78 -38.89 11.73
CA ASN A 72 37.70 -38.03 12.19
C ASN A 72 38.20 -36.61 12.34
N PRO A 73 38.10 -35.79 11.30
CA PRO A 73 38.47 -34.37 11.42
C PRO A 73 37.56 -33.63 12.38
N LEU A 74 38.02 -32.46 12.81
CA LEU A 74 37.22 -31.60 13.68
C LEU A 74 36.17 -30.88 12.83
N ARG A 75 34.90 -31.08 13.18
CA ARG A 75 33.77 -30.53 12.44
C ARG A 75 33.18 -29.37 13.24
N VAL A 76 33.33 -28.15 12.73
CA VAL A 76 32.85 -26.95 13.38
C VAL A 76 31.62 -26.48 12.61
N ARG A 77 30.44 -26.69 13.17
CA ARG A 77 29.19 -26.25 12.55
C ARG A 77 29.04 -24.75 12.78
N VAL A 78 29.07 -23.98 11.69
CA VAL A 78 28.95 -22.53 11.74
C VAL A 78 27.58 -22.13 11.18
N HIS A 79 26.93 -21.16 11.82
CA HIS A 79 25.62 -20.70 11.41
C HIS A 79 25.51 -19.20 11.63
N GLY A 80 24.76 -18.55 10.75
CA GLY A 80 24.54 -17.13 10.84
C GLY A 80 23.34 -16.73 10.00
N THR A 81 23.12 -15.42 9.92
CA THR A 81 22.03 -14.86 9.15
C THR A 81 22.48 -13.55 8.54
N VAL A 82 22.42 -13.45 7.22
CA VAL A 82 22.64 -12.16 6.55
C VAL A 82 21.52 -11.20 6.94
N PRO A 83 21.83 -9.95 7.30
CA PRO A 83 20.76 -9.03 7.70
C PRO A 83 19.71 -8.86 6.61
N LEU A 84 18.45 -8.72 7.04
CA LEU A 84 17.34 -8.56 6.11
C LEU A 84 17.59 -7.41 5.13
N ASN A 85 18.12 -6.30 5.62
CA ASN A 85 18.29 -5.09 4.82
C ASN A 85 19.72 -4.89 4.38
N GLU A 86 20.47 -5.96 4.19
CA GLU A 86 21.82 -5.87 3.64
C GLU A 86 21.72 -5.44 2.17
N PRO A 87 22.34 -4.34 1.78
CA PRO A 87 22.26 -3.91 0.37
C PRO A 87 22.92 -4.93 -0.55
N ILE A 88 22.31 -5.13 -1.71
CA ILE A 88 22.81 -6.08 -2.70
C ILE A 88 23.16 -5.33 -3.98
N PRO A 89 24.43 -5.24 -4.36
CA PRO A 89 24.79 -4.55 -5.59
C PRO A 89 24.25 -5.28 -6.81
N ALA A 90 23.87 -4.51 -7.83
CA ALA A 90 23.34 -5.12 -9.05
C ALA A 90 24.36 -6.03 -9.73
N ASP A 91 25.65 -5.76 -9.51
CA ASP A 91 26.72 -6.66 -9.95
C ASP A 91 26.83 -7.76 -8.89
N LYS A 92 26.11 -8.85 -9.11
CA LYS A 92 25.90 -9.86 -8.08
C LYS A 92 27.17 -10.62 -7.72
N ASN A 93 28.27 -10.35 -8.44
CA ASN A 93 29.55 -10.93 -8.04
C ASN A 93 30.15 -10.22 -6.84
N ARG A 94 29.71 -9.01 -6.53
CA ARG A 94 30.11 -8.31 -5.32
C ARG A 94 29.21 -8.61 -4.13
N ALA A 95 28.07 -9.27 -4.35
CA ALA A 95 27.14 -9.59 -3.26
C ALA A 95 27.62 -10.86 -2.55
N GLN A 96 28.73 -10.71 -1.83
CA GLN A 96 29.34 -11.82 -1.13
C GLN A 96 30.30 -11.29 -0.08
N PHE A 97 30.47 -12.07 0.99
CA PHE A 97 31.42 -11.77 2.06
C PHE A 97 32.61 -12.71 1.92
N THR A 98 33.80 -12.13 1.79
CA THR A 98 35.04 -12.90 1.75
C THR A 98 35.65 -12.88 3.15
N GLU A 99 35.66 -14.05 3.80
CA GLU A 99 36.11 -14.17 5.18
C GLU A 99 37.19 -15.24 5.27
N THR A 100 37.91 -15.24 6.39
CA THR A 100 39.03 -16.14 6.60
C THR A 100 38.89 -16.86 7.94
N ILE A 101 39.53 -18.03 8.02
CA ILE A 101 39.54 -18.85 9.23
C ILE A 101 40.97 -19.32 9.49
N ARG A 102 41.40 -19.24 10.75
CA ARG A 102 42.68 -19.76 11.19
C ARG A 102 42.45 -20.87 12.20
N ALA A 103 43.51 -21.63 12.47
CA ALA A 103 43.46 -22.71 13.44
C ALA A 103 44.87 -23.06 13.87
N TRP A 104 45.03 -23.37 15.16
CA TRP A 104 46.33 -23.75 15.70
C TRP A 104 46.19 -24.98 16.58
N ASP A 105 47.29 -25.72 16.71
CA ASP A 105 47.32 -26.93 17.51
C ASP A 105 47.77 -26.61 18.93
N ALA A 106 48.05 -27.65 19.73
CA ALA A 106 48.52 -27.43 21.09
C ALA A 106 49.96 -26.96 21.12
N ALA A 107 50.75 -27.30 20.10
CA ALA A 107 52.15 -26.90 20.06
C ALA A 107 52.33 -25.41 19.77
N GLY A 108 51.30 -24.74 19.27
CA GLY A 108 51.38 -23.34 18.95
C GLY A 108 51.66 -23.03 17.49
N ASN A 109 51.29 -23.91 16.57
CA ASN A 109 51.48 -23.70 15.14
C ASN A 109 50.15 -23.31 14.53
N VAL A 110 50.04 -22.07 14.06
CA VAL A 110 48.81 -21.55 13.49
C VAL A 110 48.86 -21.69 11.97
N SER A 111 47.73 -22.12 11.40
CA SER A 111 47.64 -22.24 9.94
C SER A 111 47.62 -20.86 9.29
N SER A 112 47.77 -20.86 7.97
CA SER A 112 47.62 -19.62 7.23
C SER A 112 46.16 -19.19 7.19
N ASN A 113 45.93 -17.95 6.74
CA ASN A 113 44.57 -17.46 6.58
C ASN A 113 43.94 -18.13 5.36
N ILE A 114 42.85 -18.86 5.59
CA ILE A 114 42.18 -19.63 4.54
C ILE A 114 40.82 -19.01 4.27
N THR A 115 40.52 -18.79 2.99
CA THR A 115 39.35 -18.03 2.58
C THR A 115 38.12 -18.91 2.43
N PHE A 116 36.98 -18.42 2.93
CA PHE A 116 35.67 -18.96 2.59
C PHE A 116 34.77 -17.80 2.19
N VAL A 117 33.87 -18.07 1.24
CA VAL A 117 33.04 -17.03 0.63
C VAL A 117 31.59 -17.30 0.99
N ILE A 118 30.89 -16.26 1.45
CA ILE A 118 29.47 -16.31 1.77
C ILE A 118 28.76 -15.37 0.82
N LYS A 119 28.13 -15.93 -0.22
CA LYS A 119 27.39 -15.13 -1.19
C LYS A 119 25.94 -14.99 -0.74
N TYR A 120 25.45 -13.75 -0.68
CA TYR A 120 24.11 -13.47 -0.22
C TYR A 120 23.25 -12.95 -1.37
N ARG A 121 21.98 -13.37 -1.38
CA ARG A 121 21.04 -13.02 -2.43
C ARG A 121 19.72 -12.56 -1.83
N ALA A 122 18.94 -11.85 -2.64
CA ALA A 122 17.61 -11.46 -2.23
C ALA A 122 16.70 -12.68 -2.18
N GLN A 123 15.67 -12.61 -1.32
CA GLN A 123 14.83 -13.78 -1.10
C GLN A 123 14.02 -14.16 -2.33
N THR A 124 13.68 -13.20 -3.19
CA THR A 124 12.92 -13.53 -4.38
C THR A 124 13.70 -14.38 -5.36
N ASP A 125 15.04 -14.37 -5.27
CA ASP A 125 15.84 -15.28 -6.08
C ASP A 125 15.59 -16.74 -5.69
N LYS A 126 15.19 -16.97 -4.44
CA LYS A 126 14.99 -18.34 -3.97
C LYS A 126 13.59 -18.84 -4.27
N TYR A 127 12.59 -17.96 -4.23
CA TYR A 127 11.19 -18.36 -4.29
C TYR A 127 10.58 -18.03 -5.64
N ASN A 128 9.89 -19.00 -6.21
CA ASN A 128 9.06 -18.82 -7.41
C ASN A 128 7.63 -19.19 -7.04
N PRO A 129 6.74 -18.23 -6.86
CA PRO A 129 5.42 -18.55 -6.30
C PRO A 129 4.55 -19.34 -7.27
N ALA A 130 3.80 -20.29 -6.71
CA ALA A 130 2.85 -21.07 -7.49
C ALA A 130 1.54 -20.31 -7.63
N ASP A 131 0.85 -20.53 -8.74
CA ASP A 131 -0.42 -19.87 -8.97
C ASP A 131 -1.47 -20.43 -8.02
N PRO A 132 -2.36 -19.59 -7.50
CA PRO A 132 -3.43 -20.07 -6.63
C PRO A 132 -4.60 -20.62 -7.43
N THR A 133 -5.52 -21.25 -6.72
CA THR A 133 -6.79 -21.60 -7.34
C THR A 133 -7.56 -20.33 -7.70
N ILE A 134 -8.31 -20.40 -8.80
CA ILE A 134 -8.95 -19.21 -9.34
C ILE A 134 -10.02 -18.70 -8.38
N THR A 135 -10.06 -17.38 -8.21
CA THR A 135 -11.11 -16.70 -7.47
C THR A 135 -12.02 -15.97 -8.45
N TYR A 136 -13.32 -16.21 -8.36
CA TYR A 136 -14.29 -15.59 -9.25
C TYR A 136 -14.77 -14.27 -8.65
N VAL A 137 -14.75 -13.21 -9.46
CA VAL A 137 -15.07 -11.87 -9.01
C VAL A 137 -16.19 -11.30 -9.88
N ASP A 138 -16.89 -10.31 -9.33
CA ASP A 138 -17.95 -9.63 -10.08
C ASP A 138 -17.38 -8.66 -11.10
N ARG A 139 -16.36 -7.89 -10.73
CA ARG A 139 -15.76 -6.89 -11.60
C ARG A 139 -14.26 -7.14 -11.67
N LEU A 140 -13.76 -7.43 -12.87
CA LEU A 140 -12.33 -7.67 -13.04
C LEU A 140 -11.50 -6.42 -12.73
N SER A 141 -12.09 -5.24 -12.90
CA SER A 141 -11.37 -3.99 -12.72
C SER A 141 -11.46 -3.44 -11.30
N SER A 142 -12.25 -4.06 -10.42
CA SER A 142 -12.43 -3.51 -9.07
C SER A 142 -12.85 -4.66 -8.16
N LEU A 143 -11.86 -5.32 -7.56
CA LEU A 143 -12.14 -6.39 -6.61
C LEU A 143 -12.72 -5.83 -5.32
N SER A 144 -13.67 -6.56 -4.75
CA SER A 144 -14.27 -6.19 -3.48
C SER A 144 -13.35 -6.64 -2.33
N PRO A 145 -13.61 -6.16 -1.11
CA PRO A 145 -12.77 -6.60 0.01
C PRO A 145 -12.80 -8.11 0.23
N SER A 146 -13.97 -8.73 0.11
CA SER A 146 -14.05 -10.18 0.31
CA SER A 146 -14.06 -10.17 0.31
C SER A 146 -13.29 -10.93 -0.77
N GLU A 147 -13.34 -10.43 -2.01
CA GLU A 147 -12.61 -11.09 -3.09
C GLU A 147 -11.10 -10.95 -2.90
N LYS A 148 -10.64 -9.81 -2.37
CA LYS A 148 -9.22 -9.66 -2.08
C LYS A 148 -8.77 -10.58 -0.97
N ASN A 149 -9.61 -10.74 0.08
CA ASN A 149 -9.30 -11.69 1.13
C ASN A 149 -9.18 -13.11 0.59
N ALA A 150 -10.08 -13.49 -0.32
CA ALA A 150 -10.03 -14.82 -0.91
C ALA A 150 -8.81 -15.00 -1.79
N VAL A 151 -8.40 -13.94 -2.50
CA VAL A 151 -7.21 -14.02 -3.33
C VAL A 151 -5.96 -14.22 -2.47
N GLU A 152 -5.82 -13.43 -1.41
CA GLU A 152 -4.66 -13.56 -0.53
C GLU A 152 -4.59 -14.95 0.10
N ALA A 153 -5.74 -15.45 0.57
CA ALA A 153 -5.76 -16.77 1.20
C ALA A 153 -5.41 -17.88 0.21
N ALA A 154 -5.83 -17.72 -1.05
CA ALA A 154 -5.54 -18.73 -2.05
C ALA A 154 -4.05 -18.72 -2.43
N VAL A 155 -3.44 -17.53 -2.47
CA VAL A 155 -2.01 -17.46 -2.76
C VAL A 155 -1.20 -18.04 -1.61
N ARG A 156 -1.59 -17.74 -0.37
CA ARG A 156 -0.88 -18.27 0.79
C ARG A 156 -0.99 -19.79 0.86
N ALA A 157 -2.20 -20.31 0.62
CA ALA A 157 -2.41 -21.76 0.70
C ALA A 157 -1.64 -22.49 -0.39
N ALA A 158 -1.53 -21.88 -1.57
CA ALA A 158 -0.78 -22.48 -2.67
C ALA A 158 0.72 -22.32 -2.53
N ASN A 159 1.19 -21.47 -1.60
CA ASN A 159 2.61 -21.22 -1.39
C ASN A 159 2.95 -21.37 0.08
N PRO A 160 2.97 -22.61 0.60
CA PRO A 160 3.48 -22.81 1.96
C PRO A 160 4.99 -22.72 2.07
N GLN A 161 5.70 -22.73 0.94
CA GLN A 161 7.17 -22.71 0.98
C GLN A 161 7.73 -21.31 1.13
N ILE A 162 6.95 -20.26 0.85
CA ILE A 162 7.41 -18.90 1.06
C ILE A 162 7.25 -18.59 2.55
N PRO A 163 8.08 -17.73 3.12
CA PRO A 163 8.01 -17.51 4.58
C PRO A 163 6.68 -16.92 5.00
N ALA A 164 6.27 -17.27 6.23
CA ALA A 164 5.03 -16.72 6.77
C ALA A 164 5.14 -15.21 6.99
N ALA A 165 6.36 -14.71 7.17
CA ALA A 165 6.59 -13.28 7.37
C ALA A 165 6.47 -12.47 6.07
N ALA A 166 6.37 -13.13 4.92
CA ALA A 166 6.12 -12.41 3.69
C ALA A 166 4.70 -11.88 3.66
N ARG A 167 4.52 -10.71 3.05
CA ARG A 167 3.22 -10.05 2.99
C ARG A 167 2.67 -10.13 1.57
N ILE A 168 1.42 -10.55 1.46
CA ILE A 168 0.73 -10.71 0.19
C ILE A 168 -0.32 -9.62 0.09
N THR A 169 -0.22 -8.77 -0.93
CA THR A 169 -1.17 -7.70 -1.17
C THR A 169 -1.86 -7.90 -2.51
N VAL A 170 -3.10 -7.44 -2.60
CA VAL A 170 -3.94 -7.60 -3.78
C VAL A 170 -4.40 -6.22 -4.23
N SER A 171 -4.26 -5.94 -5.53
CA SER A 171 -4.63 -4.65 -6.08
C SER A 171 -6.08 -4.68 -6.56
N ALA A 172 -6.54 -3.55 -7.10
CA ALA A 172 -7.94 -3.43 -7.52
C ALA A 172 -8.27 -4.34 -8.69
N ASN A 173 -7.31 -4.56 -9.59
CA ASN A 173 -7.54 -5.42 -10.76
C ASN A 173 -7.18 -6.87 -10.50
N GLY A 174 -6.86 -7.23 -9.27
CA GLY A 174 -6.55 -8.60 -8.93
C GLY A 174 -5.10 -9.00 -9.06
N THR A 175 -4.19 -8.04 -9.23
CA THR A 175 -2.77 -8.35 -9.30
C THR A 175 -2.23 -8.61 -7.91
N VAL A 176 -1.41 -9.66 -7.79
CA VAL A 176 -0.88 -10.11 -6.50
C VAL A 176 0.56 -9.66 -6.39
N THR A 177 0.90 -9.03 -5.26
CA THR A 177 2.27 -8.63 -4.94
C THR A 177 2.72 -9.40 -3.71
N ILE A 178 3.81 -10.15 -3.84
CA ILE A 178 4.40 -10.90 -2.74
C ILE A 178 5.67 -10.19 -2.31
N THR A 179 5.62 -9.50 -1.18
CA THR A 179 6.76 -8.76 -0.66
C THR A 179 7.42 -9.61 0.43
N TYR A 180 8.60 -10.14 0.13
CA TYR A 180 9.31 -11.00 1.05
C TYR A 180 9.87 -10.18 2.22
N PRO A 181 10.27 -10.84 3.32
CA PRO A 181 10.76 -10.08 4.49
C PRO A 181 11.89 -9.12 4.20
N ASP A 182 12.72 -9.38 3.18
CA ASP A 182 13.79 -8.45 2.83
C ASP A 182 13.36 -7.38 1.83
N SER A 183 12.05 -7.21 1.63
CA SER A 183 11.41 -6.23 0.77
C SER A 183 11.57 -6.53 -0.72
N SER A 184 12.19 -7.64 -1.09
CA SER A 184 12.15 -8.08 -2.48
C SER A 184 10.76 -8.60 -2.81
N THR A 185 10.42 -8.61 -4.10
CA THR A 185 9.05 -8.84 -4.51
C THR A 185 8.96 -9.87 -5.63
N ASP A 186 7.81 -10.53 -5.68
CA ASP A 186 7.36 -11.29 -6.84
C ASP A 186 5.96 -10.80 -7.21
N THR A 187 5.58 -11.03 -8.46
CA THR A 187 4.30 -10.55 -8.98
C THR A 187 3.57 -11.66 -9.72
N ILE A 188 2.28 -11.80 -9.46
CA ILE A 188 1.40 -12.73 -10.16
C ILE A 188 0.33 -11.91 -10.85
N THR A 189 0.25 -12.02 -12.17
CA THR A 189 -0.67 -11.20 -12.95
C THR A 189 -2.12 -11.67 -12.71
N ALA A 190 -3.05 -10.81 -13.13
CA ALA A 190 -4.46 -11.02 -12.79
C ALA A 190 -5.05 -12.26 -13.46
N ASN A 191 -4.71 -12.51 -14.72
CA ASN A 191 -5.30 -13.63 -15.43
C ASN A 191 -4.79 -14.99 -14.92
N ARG A 192 -3.85 -15.00 -13.98
CA ARG A 192 -3.48 -16.21 -13.27
C ARG A 192 -4.10 -16.29 -11.88
N VAL A 193 -4.99 -15.36 -11.55
CA VAL A 193 -5.48 -15.21 -10.18
C VAL A 193 -6.99 -15.15 -10.14
N VAL A 194 -7.59 -14.31 -10.99
CA VAL A 194 -9.03 -14.06 -10.92
C VAL A 194 -9.67 -14.35 -12.26
N LYS A 195 -11.00 -14.51 -12.23
CA LYS A 195 -11.81 -14.73 -13.41
C LYS A 195 -13.17 -14.08 -13.20
N ASP A 196 -13.75 -13.59 -14.28
CA ASP A 196 -15.09 -13.00 -14.21
C ASP A 196 -16.11 -14.08 -13.86
N LEU A 197 -16.95 -13.80 -12.86
CA LEU A 197 -17.89 -14.79 -12.38
C LEU A 197 -18.96 -15.09 -13.43
N ALA A 198 -19.47 -14.07 -14.11
CA ALA A 198 -20.58 -14.27 -15.05
C ALA A 198 -20.11 -15.01 -16.30
N SER A 199 -18.94 -14.67 -16.82
CA SER A 199 -18.43 -15.32 -18.03
C SER A 199 -18.12 -16.79 -17.83
N SER A 200 -18.05 -17.27 -16.57
CA SER A 200 -17.80 -18.68 -16.28
C SER A 200 -19.07 -19.45 -15.96
N ARG A 201 -20.21 -18.78 -15.88
CA ARG A 201 -21.48 -19.46 -15.63
C ARG A 201 -22.25 -19.62 -16.94
N ASP B 5 -67.80 -13.55 10.82
CA ASP B 5 -66.69 -12.69 11.20
C ASP B 5 -66.80 -11.34 10.48
N THR B 6 -66.88 -10.26 11.25
CA THR B 6 -67.06 -8.93 10.70
C THR B 6 -65.90 -7.98 10.98
N THR B 7 -65.12 -8.21 12.05
CA THR B 7 -64.09 -7.25 12.38
C THR B 7 -62.73 -7.71 11.88
N PRO B 8 -61.89 -6.78 11.43
CA PRO B 8 -60.59 -7.14 10.84
C PRO B 8 -59.62 -7.64 11.90
N PRO B 9 -58.55 -8.31 11.49
CA PRO B 9 -57.49 -8.67 12.43
C PRO B 9 -56.73 -7.44 12.90
N THR B 10 -55.86 -7.66 13.88
CA THR B 10 -55.03 -6.59 14.43
C THR B 10 -53.58 -7.03 14.42
N ILE B 11 -52.70 -6.15 13.92
CA ILE B 11 -51.28 -6.43 13.81
C ILE B 11 -50.55 -5.56 14.83
N THR B 12 -49.71 -6.21 15.64
CA THR B 12 -48.85 -5.48 16.57
C THR B 12 -47.68 -4.90 15.79
N VAL B 13 -47.71 -3.60 15.57
CA VAL B 13 -46.70 -2.95 14.71
C VAL B 13 -45.34 -3.03 15.40
N PRO B 14 -44.30 -3.47 14.70
CA PRO B 14 -42.98 -3.60 15.32
C PRO B 14 -42.29 -2.25 15.47
N SER B 15 -41.19 -2.27 16.23
CA SER B 15 -40.33 -1.11 16.34
C SER B 15 -39.58 -0.89 15.03
N ASP B 16 -39.11 0.34 14.84
CA ASP B 16 -38.29 0.65 13.68
C ASP B 16 -36.95 -0.06 13.77
N ILE B 17 -36.43 -0.47 12.61
CA ILE B 17 -35.22 -1.27 12.52
C ILE B 17 -34.10 -0.41 11.95
N ILE B 18 -32.92 -0.52 12.55
CA ILE B 18 -31.69 0.06 12.02
C ILE B 18 -30.88 -1.08 11.42
N ALA B 19 -30.82 -1.12 10.09
CA ALA B 19 -30.11 -2.18 9.38
C ALA B 19 -28.84 -1.63 8.75
N TYR B 20 -27.87 -2.51 8.56
CA TYR B 20 -26.58 -2.14 7.98
C TYR B 20 -26.34 -2.95 6.72
N ARG B 21 -25.73 -2.30 5.73
CA ARG B 21 -25.47 -2.95 4.44
C ARG B 21 -24.61 -4.19 4.65
N GLY B 22 -25.09 -5.33 4.15
CA GLY B 22 -24.37 -6.58 4.26
C GLY B 22 -24.53 -7.31 5.58
N GLU B 23 -25.45 -6.87 6.44
CA GLU B 23 -25.66 -7.45 7.76
C GLU B 23 -27.09 -7.98 7.84
N GLU B 24 -27.23 -9.29 7.95
CA GLU B 24 -28.55 -9.89 8.03
C GLU B 24 -29.24 -9.50 9.33
N PHE B 25 -30.54 -9.21 9.23
CA PHE B 25 -31.37 -8.88 10.38
C PHE B 25 -32.66 -9.67 10.30
N GLU B 26 -33.38 -9.71 11.43
CA GLU B 26 -34.67 -10.37 11.46
C GLU B 26 -35.47 -9.85 12.65
N PHE B 27 -36.79 -9.96 12.52
CA PHE B 27 -37.73 -9.52 13.55
C PHE B 27 -39.07 -10.20 13.27
N TYR B 28 -40.05 -9.97 14.15
CA TYR B 28 -41.29 -10.74 14.14
C TYR B 28 -42.51 -9.83 14.17
N PHE B 29 -43.54 -10.22 13.42
CA PHE B 29 -44.86 -9.62 13.57
C PHE B 29 -45.65 -10.40 14.62
N GLU B 30 -46.82 -9.84 14.98
CA GLU B 30 -47.79 -10.56 15.80
C GLU B 30 -49.18 -10.14 15.35
N ILE B 31 -49.97 -11.11 14.90
CA ILE B 31 -51.30 -10.87 14.34
C ILE B 31 -52.33 -11.66 15.14
N THR B 32 -53.50 -11.07 15.33
CA THR B 32 -54.56 -11.67 16.13
C THR B 32 -55.92 -11.34 15.51
N ASP B 33 -56.76 -12.36 15.35
CA ASP B 33 -58.13 -12.18 14.89
C ASP B 33 -59.07 -12.99 15.78
N ASP B 34 -60.36 -12.69 15.63
CA ASP B 34 -61.39 -13.37 16.43
C ASP B 34 -61.46 -14.85 16.10
N SER B 35 -61.42 -15.19 14.80
CA SER B 35 -61.54 -16.58 14.38
C SER B 35 -60.37 -17.43 14.84
N GLY B 36 -59.22 -16.82 15.14
CA GLY B 36 -58.03 -17.54 15.46
C GLY B 36 -57.19 -17.95 14.27
N GLN B 37 -57.62 -17.64 13.05
CA GLN B 37 -56.93 -18.03 11.84
C GLN B 37 -56.71 -16.83 10.95
N VAL B 38 -55.53 -16.76 10.33
CA VAL B 38 -55.17 -15.69 9.40
C VAL B 38 -54.65 -16.33 8.13
N LYS B 39 -55.15 -15.85 6.98
CA LYS B 39 -54.84 -16.51 5.71
C LYS B 39 -53.50 -16.06 5.15
N ASN B 40 -53.34 -14.75 4.88
CA ASN B 40 -52.14 -14.24 4.24
C ASN B 40 -51.92 -12.79 4.62
N ILE B 41 -50.69 -12.33 4.40
CA ILE B 41 -50.32 -10.95 4.68
C ILE B 41 -49.78 -10.32 3.40
N GLU B 42 -49.67 -8.99 3.41
CA GLU B 42 -49.12 -8.24 2.28
C GLU B 42 -48.05 -7.30 2.81
N LEU B 43 -46.90 -7.28 2.14
CA LEU B 43 -45.76 -6.45 2.55
C LEU B 43 -45.33 -5.63 1.35
N SER B 44 -45.48 -4.30 1.46
CA SER B 44 -45.12 -3.38 0.39
C SER B 44 -44.32 -2.23 0.96
N THR B 45 -43.56 -1.56 0.09
CA THR B 45 -42.69 -0.46 0.46
C THR B 45 -43.13 0.80 -0.27
N PHE B 46 -43.23 1.90 0.48
CA PHE B 46 -43.57 3.19 -0.14
C PHE B 46 -42.44 3.63 -1.06
N GLY B 47 -42.81 4.08 -2.26
CA GLY B 47 -41.85 4.47 -3.27
C GLY B 47 -41.25 3.33 -4.06
N LYS B 48 -41.52 2.08 -3.68
CA LYS B 48 -41.01 0.89 -4.36
C LYS B 48 -42.19 0.04 -4.77
N PRO B 49 -42.80 0.32 -5.94
CA PRO B 49 -43.99 -0.44 -6.35
C PRO B 49 -43.72 -1.91 -6.64
N LEU B 50 -42.46 -2.35 -6.64
CA LEU B 50 -42.12 -3.76 -6.84
C LEU B 50 -41.52 -4.39 -5.59
N GLY B 51 -41.67 -3.74 -4.44
CA GLY B 51 -41.19 -4.28 -3.19
C GLY B 51 -39.67 -4.38 -3.12
N LEU B 52 -39.22 -5.08 -2.07
CA LEU B 52 -37.81 -5.32 -1.82
C LEU B 52 -37.56 -6.81 -1.91
N ASN B 53 -36.88 -7.25 -2.97
CA ASN B 53 -36.63 -8.68 -3.15
C ASN B 53 -35.62 -9.23 -2.16
N TRP B 54 -34.95 -8.39 -1.38
CA TRP B 54 -34.05 -8.85 -0.33
C TRP B 54 -34.71 -8.91 1.05
N LEU B 55 -35.94 -8.42 1.17
CA LEU B 55 -36.70 -8.49 2.42
C LEU B 55 -37.73 -9.60 2.29
N GLU B 56 -37.52 -10.70 3.02
CA GLU B 56 -38.37 -11.86 2.95
C GLU B 56 -39.10 -12.07 4.27
N TYR B 57 -40.23 -12.77 4.20
CA TYR B 57 -40.96 -13.17 5.39
C TYR B 57 -41.39 -14.63 5.24
N SER B 58 -41.49 -15.31 6.38
CA SER B 58 -41.81 -16.73 6.40
C SER B 58 -43.32 -16.93 6.32
N GLU B 59 -43.76 -17.74 5.36
CA GLU B 59 -45.16 -18.12 5.24
C GLU B 59 -45.50 -19.35 6.06
N ASP B 60 -44.70 -19.67 7.08
CA ASP B 60 -44.97 -20.83 7.92
C ASP B 60 -46.24 -20.62 8.74
N ASN B 61 -46.92 -21.73 9.01
CA ASN B 61 -48.14 -21.76 9.81
C ASN B 61 -49.25 -20.88 9.22
N PHE B 62 -49.14 -20.55 7.93
CA PHE B 62 -50.11 -19.68 7.30
C PHE B 62 -51.41 -20.42 7.00
N ASN B 63 -52.54 -19.74 7.25
CA ASN B 63 -53.87 -20.19 6.85
C ASN B 63 -54.35 -21.41 7.63
N VAL B 64 -53.49 -22.01 8.45
CA VAL B 64 -53.90 -23.16 9.25
C VAL B 64 -54.73 -22.64 10.43
N PRO B 65 -55.77 -23.36 10.84
CA PRO B 65 -56.66 -22.84 11.89
C PRO B 65 -55.99 -22.81 13.25
N GLY B 66 -56.31 -21.79 14.03
CA GLY B 66 -55.80 -21.64 15.38
C GLY B 66 -54.46 -20.95 15.49
N ASN B 67 -54.01 -20.24 14.46
CA ASN B 67 -52.69 -19.64 14.47
C ASN B 67 -52.68 -18.20 14.95
N ALA B 68 -53.84 -17.57 15.13
CA ALA B 68 -53.92 -16.14 15.48
C ALA B 68 -54.99 -15.91 16.54
N THR B 69 -54.74 -16.41 17.75
CA THR B 69 -55.64 -16.20 18.87
C THR B 69 -55.12 -15.08 19.77
N SER B 70 -56.00 -14.62 20.66
CA SER B 70 -55.61 -13.55 21.58
C SER B 70 -54.51 -14.00 22.54
N ASP B 71 -54.50 -15.27 22.91
CA ASP B 71 -53.44 -15.81 23.76
C ASP B 71 -52.24 -16.29 22.97
N ASN B 72 -52.47 -16.93 21.82
CA ASN B 72 -51.39 -17.44 20.98
C ASN B 72 -51.52 -16.84 19.58
N PRO B 73 -50.79 -15.76 19.28
CA PRO B 73 -50.95 -15.10 17.98
C PRO B 73 -50.04 -15.69 16.91
N LEU B 74 -50.08 -15.11 15.71
CA LEU B 74 -49.27 -15.56 14.58
C LEU B 74 -48.02 -14.67 14.51
N ARG B 75 -46.86 -15.28 14.74
CA ARG B 75 -45.58 -14.56 14.69
C ARG B 75 -44.92 -14.84 13.34
N VAL B 76 -44.83 -13.81 12.50
CA VAL B 76 -44.25 -13.91 11.17
C VAL B 76 -42.80 -13.47 11.24
N ARG B 77 -41.89 -14.34 10.81
CA ARG B 77 -40.46 -14.02 10.81
C ARG B 77 -40.11 -13.29 9.53
N VAL B 78 -39.66 -12.04 9.66
CA VAL B 78 -39.25 -11.22 8.53
C VAL B 78 -37.74 -11.02 8.64
N HIS B 79 -37.01 -11.42 7.60
CA HIS B 79 -35.55 -11.34 7.59
C HIS B 79 -35.09 -10.79 6.26
N GLY B 80 -33.85 -10.30 6.24
CA GLY B 80 -33.29 -9.78 5.00
C GLY B 80 -31.93 -9.17 5.24
N THR B 81 -31.33 -8.72 4.14
CA THR B 81 -30.02 -8.08 4.16
C THR B 81 -30.05 -6.90 3.19
N VAL B 82 -29.66 -5.73 3.69
CA VAL B 82 -29.55 -4.56 2.81
C VAL B 82 -28.41 -4.79 1.83
N PRO B 83 -28.61 -4.56 0.52
CA PRO B 83 -27.56 -4.84 -0.45
C PRO B 83 -26.28 -4.06 -0.16
N LEU B 84 -25.15 -4.62 -0.61
CA LEU B 84 -23.86 -4.01 -0.33
C LEU B 84 -23.69 -2.67 -1.03
N ASN B 85 -24.29 -2.49 -2.21
CA ASN B 85 -24.13 -1.27 -2.98
C ASN B 85 -25.35 -0.37 -2.91
N GLU B 86 -26.21 -0.56 -1.91
CA GLU B 86 -27.36 0.31 -1.74
C GLU B 86 -26.89 1.73 -1.44
N PRO B 87 -27.19 2.71 -2.29
CA PRO B 87 -26.65 4.07 -2.07
C PRO B 87 -27.15 4.68 -0.78
N ILE B 88 -26.25 5.34 -0.06
CA ILE B 88 -26.57 6.04 1.17
C ILE B 88 -26.71 7.53 0.83
N PRO B 89 -27.92 8.08 0.85
CA PRO B 89 -28.07 9.52 0.56
C PRO B 89 -27.35 10.37 1.58
N ALA B 90 -26.83 11.51 1.11
CA ALA B 90 -26.15 12.44 2.01
C ALA B 90 -27.09 12.90 3.12
N ASP B 91 -28.35 13.15 2.79
CA ASP B 91 -29.38 13.41 3.79
C ASP B 91 -29.79 12.05 4.37
N LYS B 92 -29.22 11.69 5.52
CA LYS B 92 -29.49 10.38 6.10
C LYS B 92 -30.94 10.19 6.51
N ASN B 93 -31.74 11.27 6.57
CA ASN B 93 -33.16 11.11 6.81
C ASN B 93 -33.87 10.38 5.67
N ARG B 94 -33.28 10.39 4.46
CA ARG B 94 -33.82 9.67 3.32
C ARG B 94 -33.23 8.28 3.18
N ALA B 95 -32.28 7.90 4.03
CA ALA B 95 -31.69 6.56 3.99
C ALA B 95 -32.52 5.59 4.84
N GLN B 96 -33.76 5.40 4.40
CA GLN B 96 -34.69 4.56 5.14
C GLN B 96 -35.82 4.11 4.21
N PHE B 97 -36.42 2.98 4.54
CA PHE B 97 -37.56 2.44 3.82
C PHE B 97 -38.76 2.39 4.76
N THR B 98 -39.90 2.87 4.30
CA THR B 98 -41.14 2.85 5.08
C THR B 98 -42.00 1.69 4.59
N GLU B 99 -42.19 0.70 5.44
CA GLU B 99 -42.94 -0.50 5.12
C GLU B 99 -44.38 -0.37 5.60
N THR B 100 -45.26 -1.18 5.02
CA THR B 100 -46.66 -1.24 5.42
C THR B 100 -47.15 -2.67 5.29
N ILE B 101 -48.00 -3.09 6.21
CA ILE B 101 -48.41 -4.49 6.32
C ILE B 101 -49.92 -4.56 6.44
N ARG B 102 -50.53 -5.41 5.61
CA ARG B 102 -51.94 -5.75 5.72
C ARG B 102 -52.07 -7.24 6.02
N ALA B 103 -53.18 -7.63 6.63
CA ALA B 103 -53.42 -9.02 6.98
C ALA B 103 -54.86 -9.40 6.71
N TRP B 104 -55.04 -10.58 6.12
CA TRP B 104 -56.36 -11.16 5.88
C TRP B 104 -56.63 -12.26 6.89
N ASP B 105 -57.85 -12.33 7.39
CA ASP B 105 -58.27 -13.46 8.20
C ASP B 105 -58.85 -14.54 7.28
N ALA B 106 -59.40 -15.60 7.85
CA ALA B 106 -59.96 -16.67 7.03
C ALA B 106 -61.18 -16.19 6.26
N ALA B 107 -62.01 -15.36 6.90
CA ALA B 107 -63.23 -14.88 6.24
C ALA B 107 -62.89 -13.97 5.06
N GLY B 108 -62.07 -12.95 5.30
CA GLY B 108 -61.70 -12.02 4.25
C GLY B 108 -61.58 -10.60 4.73
N ASN B 109 -61.64 -10.40 6.05
CA ASN B 109 -61.37 -9.08 6.60
C ASN B 109 -59.92 -8.70 6.35
N VAL B 110 -59.69 -7.47 5.90
CA VAL B 110 -58.35 -6.91 5.82
C VAL B 110 -58.16 -5.97 7.00
N SER B 111 -56.98 -6.03 7.61
CA SER B 111 -56.70 -5.15 8.73
C SER B 111 -56.33 -3.77 8.24
N SER B 112 -56.34 -2.81 9.16
CA SER B 112 -55.74 -1.52 8.88
C SER B 112 -54.24 -1.70 8.66
N ASN B 113 -53.67 -0.81 7.85
CA ASN B 113 -52.25 -0.90 7.55
C ASN B 113 -51.44 -0.35 8.73
N ILE B 114 -50.47 -1.14 9.18
CA ILE B 114 -49.48 -0.68 10.16
C ILE B 114 -48.19 -0.38 9.41
N THR B 115 -47.45 0.60 9.90
CA THR B 115 -46.24 1.06 9.23
C THR B 115 -45.06 1.01 10.20
N PHE B 116 -43.87 0.80 9.63
CA PHE B 116 -42.63 0.85 10.39
C PHE B 116 -41.50 1.19 9.41
N VAL B 117 -40.40 1.70 9.96
CA VAL B 117 -39.30 2.24 9.18
C VAL B 117 -38.09 1.32 9.32
N ILE B 118 -37.48 0.99 8.19
CA ILE B 118 -36.20 0.29 8.16
C ILE B 118 -35.16 1.32 7.74
N LYS B 119 -34.37 1.79 8.71
CA LYS B 119 -33.27 2.70 8.42
C LYS B 119 -32.03 1.89 8.09
N TYR B 120 -31.41 2.19 6.95
CA TYR B 120 -30.19 1.51 6.53
C TYR B 120 -29.01 2.48 6.57
N ARG B 121 -27.88 1.97 7.06
CA ARG B 121 -26.68 2.76 7.24
C ARG B 121 -25.49 2.02 6.66
N ALA B 122 -24.36 2.72 6.54
CA ALA B 122 -23.13 2.07 6.12
C ALA B 122 -22.69 1.02 7.13
N GLN B 123 -21.99 0.01 6.65
CA GLN B 123 -21.63 -1.12 7.51
C GLN B 123 -20.67 -0.70 8.62
N THR B 124 -19.88 0.35 8.40
CA THR B 124 -18.96 0.80 9.43
C THR B 124 -19.67 1.41 10.63
N ASP B 125 -20.90 1.91 10.44
CA ASP B 125 -21.65 2.50 11.56
C ASP B 125 -21.95 1.47 12.64
N LYS B 126 -21.98 0.18 12.30
CA LYS B 126 -22.26 -0.84 13.29
C LYS B 126 -21.05 -1.19 14.14
N TYR B 127 -19.84 -1.01 13.60
CA TYR B 127 -18.63 -1.53 14.22
C TYR B 127 -17.76 -0.40 14.77
N ASN B 128 -17.27 -0.59 15.99
CA ASN B 128 -16.28 0.29 16.61
C ASN B 128 -15.12 -0.60 17.02
N PRO B 129 -14.09 -0.72 16.20
CA PRO B 129 -13.05 -1.72 16.46
C PRO B 129 -12.20 -1.39 17.67
N ALA B 130 -11.79 -2.44 18.37
CA ALA B 130 -10.90 -2.30 19.51
C ALA B 130 -9.45 -2.20 19.04
N ASP B 131 -8.65 -1.49 19.81
CA ASP B 131 -7.23 -1.34 19.47
C ASP B 131 -6.52 -2.67 19.67
N PRO B 132 -5.54 -2.98 18.82
CA PRO B 132 -4.73 -4.18 19.03
C PRO B 132 -3.69 -3.95 20.12
N THR B 133 -3.00 -5.03 20.48
CA THR B 133 -1.80 -4.88 21.28
C THR B 133 -0.70 -4.23 20.45
N ILE B 134 0.18 -3.49 21.11
CA ILE B 134 1.19 -2.71 20.41
C ILE B 134 2.14 -3.64 19.67
N THR B 135 2.40 -3.32 18.40
CA THR B 135 3.43 -3.99 17.62
C THR B 135 4.66 -3.09 17.56
N TYR B 136 5.80 -3.60 18.01
CA TYR B 136 7.03 -2.83 18.04
C TYR B 136 7.74 -2.96 16.69
N VAL B 137 7.98 -1.82 16.04
CA VAL B 137 8.55 -1.80 14.70
C VAL B 137 9.94 -1.17 14.76
N ASP B 138 10.72 -1.44 13.72
CA ASP B 138 12.07 -0.90 13.64
C ASP B 138 12.08 0.56 13.22
N ARG B 139 11.15 0.96 12.36
CA ARG B 139 11.07 2.34 11.87
C ARG B 139 9.62 2.69 11.62
N LEU B 140 9.12 3.72 12.32
CA LEU B 140 7.74 4.16 12.13
C LEU B 140 7.50 4.69 10.73
N SER B 141 8.55 5.11 10.02
CA SER B 141 8.41 5.67 8.68
C SER B 141 8.37 4.60 7.60
N SER B 142 8.77 3.36 7.91
CA SER B 142 8.78 2.30 6.90
C SER B 142 8.69 0.96 7.64
N LEU B 143 7.47 0.46 7.80
CA LEU B 143 7.27 -0.85 8.40
C LEU B 143 7.74 -1.95 7.46
N SER B 144 8.23 -3.04 8.05
CA SER B 144 8.63 -4.20 7.28
C SER B 144 7.42 -5.04 6.92
N PRO B 145 7.54 -5.93 5.92
CA PRO B 145 6.41 -6.81 5.61
C PRO B 145 5.97 -7.67 6.78
N SER B 146 6.92 -8.14 7.60
CA SER B 146 6.56 -8.95 8.76
C SER B 146 5.88 -8.11 9.84
N GLU B 147 6.24 -6.83 9.95
CA GLU B 147 5.61 -5.97 10.94
C GLU B 147 4.17 -5.67 10.58
N LYS B 148 3.88 -5.51 9.29
CA LYS B 148 2.49 -5.30 8.86
C LYS B 148 1.68 -6.57 9.05
N ASN B 149 2.28 -7.74 8.84
CA ASN B 149 1.60 -9.00 9.12
C ASN B 149 1.23 -9.09 10.59
N ALA B 150 2.13 -8.70 11.48
CA ALA B 150 1.85 -8.77 12.91
C ALA B 150 0.78 -7.77 13.31
N VAL B 151 0.76 -6.60 12.66
CA VAL B 151 -0.27 -5.61 12.94
C VAL B 151 -1.64 -6.13 12.51
N GLU B 152 -1.76 -6.61 11.28
CA GLU B 152 -3.02 -7.15 10.80
C GLU B 152 -3.50 -8.30 11.67
N ALA B 153 -2.58 -9.19 12.05
CA ALA B 153 -2.95 -10.31 12.91
C ALA B 153 -3.40 -9.83 14.28
N ALA B 154 -2.75 -8.77 14.79
CA ALA B 154 -3.14 -8.24 16.10
C ALA B 154 -4.50 -7.56 16.04
N VAL B 155 -4.79 -6.84 14.95
CA VAL B 155 -6.09 -6.21 14.80
C VAL B 155 -7.17 -7.26 14.61
N ARG B 156 -6.89 -8.29 13.80
CA ARG B 156 -7.87 -9.34 13.59
C ARG B 156 -8.13 -10.14 14.87
N ALA B 157 -7.08 -10.40 15.66
CA ALA B 157 -7.25 -11.19 16.87
C ALA B 157 -8.05 -10.43 17.92
N ALA B 158 -7.97 -9.11 17.93
CA ALA B 158 -8.68 -8.30 18.91
C ALA B 158 -10.12 -7.98 18.51
N ASN B 159 -10.51 -8.30 17.27
CA ASN B 159 -11.85 -7.96 16.76
C ASN B 159 -12.48 -9.18 16.10
N PRO B 160 -12.91 -10.17 16.91
CA PRO B 160 -13.64 -11.31 16.32
C PRO B 160 -15.03 -10.94 15.85
N GLN B 161 -15.60 -9.82 16.32
CA GLN B 161 -16.93 -9.41 15.89
C GLN B 161 -16.93 -8.75 14.52
N ILE B 162 -15.77 -8.27 14.07
CA ILE B 162 -15.67 -7.69 12.73
C ILE B 162 -15.77 -8.80 11.70
N PRO B 163 -16.56 -8.64 10.63
CA PRO B 163 -16.77 -9.75 9.69
C PRO B 163 -15.48 -10.20 9.04
N ALA B 164 -15.38 -11.52 8.82
CA ALA B 164 -14.19 -12.09 8.19
C ALA B 164 -14.02 -11.61 6.76
N ALA B 165 -15.11 -11.18 6.10
CA ALA B 165 -15.02 -10.67 4.75
C ALA B 165 -14.44 -9.26 4.69
N ALA B 166 -14.34 -8.56 5.82
CA ALA B 166 -13.68 -7.26 5.83
C ALA B 166 -12.17 -7.44 5.71
N ARG B 167 -11.54 -6.52 4.98
CA ARG B 167 -10.11 -6.59 4.71
C ARG B 167 -9.37 -5.55 5.52
N ILE B 168 -8.30 -5.98 6.19
CA ILE B 168 -7.47 -5.12 7.03
C ILE B 168 -6.16 -4.85 6.30
N THR B 169 -5.90 -3.58 6.02
CA THR B 169 -4.66 -3.16 5.38
C THR B 169 -3.84 -2.30 6.34
N VAL B 170 -2.52 -2.30 6.14
CA VAL B 170 -1.59 -1.59 7.00
C VAL B 170 -0.69 -0.74 6.14
N SER B 171 -0.63 0.56 6.43
CA SER B 171 0.20 1.48 5.68
C SER B 171 1.66 1.33 6.09
N ALA B 172 2.53 2.07 5.38
CA ALA B 172 3.95 2.06 5.69
C ALA B 172 4.27 2.61 7.07
N ASN B 173 3.30 3.25 7.74
CA ASN B 173 3.53 3.87 9.03
C ASN B 173 2.72 3.21 10.15
N GLY B 174 2.02 2.12 9.86
CA GLY B 174 1.24 1.44 10.87
C GLY B 174 -0.21 1.87 10.96
N THR B 175 -0.67 2.75 10.08
CA THR B 175 -2.07 3.14 10.07
C THR B 175 -2.91 1.99 9.54
N VAL B 176 -3.91 1.59 10.33
CA VAL B 176 -4.76 0.45 10.02
C VAL B 176 -6.03 0.93 9.33
N THR B 177 -6.35 0.32 8.19
CA THR B 177 -7.60 0.58 7.48
C THR B 177 -8.40 -0.71 7.45
N ILE B 178 -9.60 -0.67 8.01
CA ILE B 178 -10.54 -1.79 8.00
C ILE B 178 -11.59 -1.48 6.95
N THR B 179 -11.55 -2.19 5.83
CA THR B 179 -12.50 -1.99 4.74
C THR B 179 -13.56 -3.09 4.82
N TYR B 180 -14.80 -2.69 5.10
CA TYR B 180 -15.89 -3.63 5.26
C TYR B 180 -16.42 -4.08 3.90
N PRO B 181 -17.19 -5.18 3.87
CA PRO B 181 -17.71 -5.67 2.58
C PRO B 181 -18.43 -4.62 1.74
N ASP B 182 -19.06 -3.63 2.35
CA ASP B 182 -19.73 -2.58 1.60
C ASP B 182 -18.81 -1.41 1.24
N SER B 183 -17.49 -1.60 1.38
CA SER B 183 -16.43 -0.65 1.06
C SER B 183 -16.36 0.53 2.03
N SER B 184 -17.24 0.59 3.03
CA SER B 184 -17.05 1.56 4.10
C SER B 184 -15.82 1.19 4.93
N THR B 185 -15.25 2.18 5.60
CA THR B 185 -13.95 1.99 6.25
C THR B 185 -14.00 2.42 7.71
N ASP B 186 -13.16 1.75 8.50
CA ASP B 186 -12.75 2.21 9.82
C ASP B 186 -11.25 2.45 9.81
N THR B 187 -10.80 3.35 10.66
CA THR B 187 -9.39 3.73 10.71
C THR B 187 -8.89 3.68 12.15
N ILE B 188 -7.75 3.04 12.36
CA ILE B 188 -7.07 3.02 13.66
C ILE B 188 -5.75 3.75 13.47
N THR B 189 -5.60 4.89 14.14
CA THR B 189 -4.40 5.70 13.97
C THR B 189 -3.17 4.95 14.47
N ALA B 190 -2.01 5.35 13.94
CA ALA B 190 -0.78 4.62 14.20
C ALA B 190 -0.37 4.66 15.66
N ASN B 191 -0.66 5.77 16.35
CA ASN B 191 -0.30 5.89 17.76
C ASN B 191 -1.00 4.86 18.63
N ARG B 192 -2.07 4.25 18.14
CA ARG B 192 -2.78 3.19 18.85
C ARG B 192 -2.37 1.80 18.36
N VAL B 193 -1.37 1.71 17.50
CA VAL B 193 -1.07 0.45 16.81
C VAL B 193 0.39 0.05 16.98
N VAL B 194 1.31 0.96 16.67
CA VAL B 194 2.73 0.62 16.58
C VAL B 194 3.56 1.54 17.46
N LYS B 195 4.77 1.08 17.77
CA LYS B 195 5.76 1.84 18.49
C LYS B 195 7.15 1.49 17.96
N ASP B 196 8.08 2.41 18.10
CA ASP B 196 9.46 2.15 17.70
C ASP B 196 10.16 1.31 18.75
N LEU B 197 11.06 0.44 18.29
CA LEU B 197 11.68 -0.54 19.16
C LEU B 197 12.79 0.05 20.03
N ALA B 198 13.52 1.03 19.52
CA ALA B 198 14.65 1.57 20.26
C ALA B 198 14.21 2.31 21.52
N SER B 199 13.08 3.01 21.45
CA SER B 199 12.57 3.77 22.58
C SER B 199 12.10 2.84 23.69
N THR C 4 -54.93 5.69 -27.34
CA THR C 4 -53.75 6.13 -28.06
C THR C 4 -52.69 6.66 -27.11
N ASP C 5 -51.42 6.46 -27.47
CA ASP C 5 -50.29 6.89 -26.65
C ASP C 5 -49.92 8.32 -27.00
N THR C 6 -49.92 9.20 -26.00
CA THR C 6 -49.56 10.59 -26.17
C THR C 6 -48.40 11.01 -25.26
N THR C 7 -47.71 10.07 -24.64
CA THR C 7 -46.66 10.37 -23.70
C THR C 7 -45.30 10.02 -24.30
N PRO C 8 -44.40 10.99 -24.47
CA PRO C 8 -43.08 10.68 -25.02
C PRO C 8 -42.28 9.84 -24.06
N PRO C 9 -41.29 9.10 -24.56
CA PRO C 9 -40.38 8.37 -23.66
C PRO C 9 -39.51 9.35 -22.87
N THR C 10 -38.87 8.83 -21.83
CA THR C 10 -37.97 9.63 -21.01
C THR C 10 -36.62 8.93 -20.93
N ILE C 11 -35.55 9.73 -20.93
CA ILE C 11 -34.19 9.24 -21.01
C ILE C 11 -33.39 9.76 -19.83
N THR C 12 -32.58 8.90 -19.24
CA THR C 12 -31.65 9.27 -18.18
C THR C 12 -30.24 8.89 -18.59
N VAL C 13 -29.30 9.80 -18.37
CA VAL C 13 -27.91 9.60 -18.78
C VAL C 13 -26.98 9.93 -17.62
N PRO C 14 -25.78 9.33 -17.56
CA PRO C 14 -24.79 9.65 -16.52
C PRO C 14 -24.40 11.13 -16.51
N ILE C 17 -19.10 11.71 -17.40
CA ILE C 17 -18.39 10.76 -18.24
C ILE C 17 -17.03 11.32 -18.65
N ILE C 18 -15.96 10.71 -18.12
CA ILE C 18 -14.59 11.07 -18.45
C ILE C 18 -13.94 9.85 -19.11
N ALA C 19 -13.37 10.04 -20.29
CA ALA C 19 -12.71 8.99 -21.03
C ALA C 19 -11.25 9.35 -21.26
N TYR C 20 -10.41 8.33 -21.35
CA TYR C 20 -8.98 8.50 -21.54
C TYR C 20 -8.54 7.77 -22.81
N ARG C 21 -7.59 8.38 -23.53
CA ARG C 21 -7.14 7.82 -24.80
C ARG C 21 -6.58 6.41 -24.59
N GLY C 22 -7.07 5.47 -25.39
CA GLY C 22 -6.65 4.09 -25.30
C GLY C 22 -7.33 3.27 -24.24
N GLU C 23 -8.19 3.88 -23.41
CA GLU C 23 -8.86 3.20 -22.31
C GLU C 23 -10.29 2.88 -22.72
N GLU C 24 -10.60 1.60 -22.89
CA GLU C 24 -11.96 1.18 -23.18
C GLU C 24 -12.88 1.60 -22.05
N PHE C 25 -14.02 2.19 -22.40
CA PHE C 25 -14.99 2.63 -21.42
C PHE C 25 -16.39 2.29 -21.93
N GLU C 26 -17.35 2.40 -21.01
CA GLU C 26 -18.74 2.09 -21.34
C GLU C 26 -19.67 2.85 -20.42
N PHE C 27 -20.84 3.18 -20.92
CA PHE C 27 -21.90 3.78 -20.12
C PHE C 27 -23.24 3.38 -20.71
N TYR C 28 -24.29 3.57 -19.92
CA TYR C 28 -25.62 3.05 -20.27
C TYR C 28 -26.62 4.17 -20.45
N PHE C 29 -27.55 3.95 -21.38
CA PHE C 29 -28.75 4.75 -21.53
C PHE C 29 -29.93 3.98 -20.93
N GLU C 30 -30.73 4.66 -20.12
CA GLU C 30 -31.96 4.09 -19.57
C GLU C 30 -33.15 4.84 -20.14
N ILE C 31 -34.01 4.13 -20.86
CA ILE C 31 -35.15 4.72 -21.55
C ILE C 31 -36.40 3.96 -21.16
N THR C 32 -37.46 4.70 -20.79
CA THR C 32 -38.73 4.11 -20.41
C THR C 32 -39.86 4.83 -21.13
N ASP C 33 -40.92 4.09 -21.44
CA ASP C 33 -42.11 4.64 -22.06
C ASP C 33 -43.34 4.07 -21.37
N ASP C 34 -44.42 4.85 -21.38
CA ASP C 34 -45.64 4.43 -20.71
C ASP C 34 -46.20 3.16 -21.34
N SER C 35 -46.11 3.04 -22.66
CA SER C 35 -46.55 1.83 -23.35
C SER C 35 -45.57 0.68 -23.20
N GLY C 36 -44.37 0.94 -22.70
CA GLY C 36 -43.39 -0.11 -22.51
C GLY C 36 -42.65 -0.56 -23.74
N GLN C 37 -42.71 0.22 -24.83
CA GLN C 37 -42.01 -0.13 -26.06
C GLN C 37 -41.36 1.11 -26.64
N VAL C 38 -40.04 1.03 -26.85
CA VAL C 38 -39.28 2.09 -27.50
C VAL C 38 -38.85 1.58 -28.88
N LYS C 39 -39.11 2.38 -29.91
CA LYS C 39 -38.82 1.96 -31.28
C LYS C 39 -37.34 2.12 -31.62
N ASN C 40 -36.82 3.34 -31.49
CA ASN C 40 -35.46 3.62 -31.93
C ASN C 40 -34.96 4.86 -31.19
N ILE C 41 -33.65 5.07 -31.25
CA ILE C 41 -33.00 6.25 -30.69
C ILE C 41 -32.09 6.85 -31.75
N GLU C 42 -31.60 8.06 -31.47
CA GLU C 42 -30.63 8.71 -32.34
C GLU C 42 -29.62 9.46 -31.47
N LEU C 43 -28.35 9.24 -31.74
CA LEU C 43 -27.25 9.84 -31.00
C LEU C 43 -26.48 10.76 -31.94
N SER C 44 -26.29 12.01 -31.52
CA SER C 44 -25.60 13.00 -32.34
C SER C 44 -24.55 13.73 -31.51
N THR C 45 -23.62 14.36 -32.22
CA THR C 45 -22.59 15.19 -31.63
C THR C 45 -22.71 16.60 -32.17
N PHE C 46 -22.52 17.60 -31.31
CA PHE C 46 -22.84 18.98 -31.64
C PHE C 46 -22.04 19.47 -32.84
N GLY C 47 -20.72 19.26 -32.81
CA GLY C 47 -19.87 19.73 -33.88
C GLY C 47 -19.41 18.69 -34.89
N LYS C 48 -19.96 17.47 -34.87
CA LYS C 48 -19.48 16.43 -35.75
C LYS C 48 -20.59 15.42 -36.09
N PRO C 49 -21.25 15.57 -37.25
CA PRO C 49 -22.12 14.53 -37.77
C PRO C 49 -21.36 13.61 -38.72
N GLY C 51 -20.61 11.17 -36.69
CA GLY C 51 -20.49 11.46 -35.27
C GLY C 51 -19.15 11.03 -34.69
N LEU C 52 -19.19 10.08 -33.77
CA LEU C 52 -18.01 9.53 -33.12
C LEU C 52 -17.88 8.07 -33.54
N ASN C 53 -17.05 7.83 -34.56
CA ASN C 53 -16.92 6.48 -35.11
C ASN C 53 -16.32 5.49 -34.12
N TRP C 54 -15.59 5.98 -33.11
CA TRP C 54 -15.04 5.09 -32.10
C TRP C 54 -16.04 4.73 -31.01
N LEU C 55 -17.29 5.20 -31.11
CA LEU C 55 -18.36 4.84 -30.21
C LEU C 55 -19.41 4.02 -30.95
N GLU C 56 -20.09 3.14 -30.22
CA GLU C 56 -21.18 2.37 -30.77
C GLU C 56 -22.08 1.91 -29.63
N TYR C 57 -23.33 1.59 -29.99
CA TYR C 57 -24.29 1.04 -29.05
C TYR C 57 -25.03 -0.10 -29.72
N SER C 58 -25.48 -1.05 -28.91
CA SER C 58 -26.20 -2.21 -29.43
C SER C 58 -27.67 -1.89 -29.63
N GLU C 59 -28.23 -2.37 -30.74
CA GLU C 59 -29.64 -2.23 -31.04
C GLU C 59 -30.42 -3.49 -30.68
N ASP C 60 -29.89 -4.32 -29.78
CA ASP C 60 -30.61 -5.50 -29.34
C ASP C 60 -31.85 -5.09 -28.55
N ASN C 61 -32.94 -5.84 -28.76
CA ASN C 61 -34.23 -5.60 -28.12
C ASN C 61 -34.83 -4.25 -28.50
N PHE C 62 -34.39 -3.66 -29.61
CA PHE C 62 -35.00 -2.44 -30.11
C PHE C 62 -36.32 -2.75 -30.80
N ASN C 63 -37.31 -1.89 -30.57
CA ASN C 63 -38.63 -1.99 -31.21
C ASN C 63 -39.27 -3.36 -30.94
N VAL C 64 -39.20 -3.79 -29.68
CA VAL C 64 -39.81 -5.02 -29.22
C VAL C 64 -40.79 -4.67 -28.11
N PRO C 65 -42.05 -5.13 -28.18
CA PRO C 65 -43.02 -4.76 -27.15
C PRO C 65 -42.60 -5.28 -25.78
N GLY C 66 -42.57 -4.38 -24.81
CA GLY C 66 -42.18 -4.71 -23.45
C GLY C 66 -40.73 -4.45 -23.11
N ASN C 67 -40.00 -3.71 -23.96
CA ASN C 67 -38.57 -3.52 -23.76
C ASN C 67 -38.23 -2.31 -22.90
N ALA C 68 -39.19 -1.42 -22.62
CA ALA C 68 -38.89 -0.19 -21.91
C ALA C 68 -40.06 0.18 -21.00
N THR C 69 -40.35 -0.69 -20.03
CA THR C 69 -41.34 -0.40 -19.01
C THR C 69 -40.68 0.30 -17.82
N SER C 70 -41.52 0.92 -16.98
CA SER C 70 -41.01 1.54 -15.77
C SER C 70 -40.34 0.53 -14.86
N ASP C 71 -40.77 -0.72 -14.91
CA ASP C 71 -40.11 -1.78 -14.14
C ASP C 71 -38.78 -2.16 -14.78
N ASN C 72 -38.79 -2.43 -16.09
CA ASN C 72 -37.62 -2.90 -16.82
C ASN C 72 -37.31 -1.92 -17.95
N PRO C 73 -36.42 -0.96 -17.73
CA PRO C 73 -36.08 0.01 -18.79
C PRO C 73 -35.23 -0.62 -19.87
N LEU C 74 -35.28 -0.01 -21.05
CA LEU C 74 -34.36 -0.36 -22.12
C LEU C 74 -32.98 0.19 -21.78
N ARG C 75 -32.05 -0.69 -21.45
CA ARG C 75 -30.69 -0.29 -21.07
C ARG C 75 -29.79 -0.41 -22.29
N VAL C 76 -29.45 0.73 -22.88
CA VAL C 76 -28.60 0.79 -24.07
C VAL C 76 -27.16 0.99 -23.62
N ARG C 77 -26.30 0.00 -23.89
CA ARG C 77 -24.91 0.05 -23.48
C ARG C 77 -24.10 0.72 -24.59
N VAL C 78 -23.55 1.90 -24.27
CA VAL C 78 -22.66 2.62 -25.18
C VAL C 78 -21.24 2.37 -24.74
N HIS C 79 -20.39 1.98 -25.69
CA HIS C 79 -19.01 1.62 -25.37
C HIS C 79 -18.10 2.07 -26.51
N GLY C 80 -16.83 2.25 -26.18
CA GLY C 80 -15.86 2.67 -27.17
C GLY C 80 -14.53 3.00 -26.52
N THR C 81 -13.62 3.52 -27.35
CA THR C 81 -12.30 3.92 -26.91
C THR C 81 -11.90 5.19 -27.63
N VAL C 82 -11.55 6.22 -26.87
CA VAL C 82 -11.03 7.45 -27.50
C VAL C 82 -9.75 7.12 -28.25
N PRO C 83 -9.59 7.54 -29.50
CA PRO C 83 -8.42 7.14 -30.27
C PRO C 83 -7.11 7.58 -29.62
N LEU C 84 -6.06 6.80 -29.87
CA LEU C 84 -4.75 7.10 -29.26
C LEU C 84 -4.23 8.44 -29.72
N ASN C 85 -4.41 8.77 -30.99
CA ASN C 85 -3.88 10.01 -31.56
C ASN C 85 -4.89 11.16 -31.52
N GLU C 86 -5.89 11.06 -30.66
CA GLU C 86 -6.89 12.13 -30.55
C GLU C 86 -6.24 13.39 -30.00
N PRO C 87 -6.24 14.50 -30.73
CA PRO C 87 -5.59 15.71 -30.22
C PRO C 87 -6.28 16.22 -28.96
N ILE C 88 -5.47 16.64 -27.99
CA ILE C 88 -5.94 17.13 -26.71
C ILE C 88 -5.71 18.64 -26.66
N PRO C 89 -6.77 19.45 -26.71
CA PRO C 89 -6.57 20.89 -26.52
C PRO C 89 -6.13 21.19 -25.10
N ALA C 90 -5.20 22.15 -24.98
CA ALA C 90 -4.69 22.50 -23.65
C ALA C 90 -5.79 23.05 -22.75
N ASP C 91 -6.77 23.73 -23.33
CA ASP C 91 -7.92 24.20 -22.57
C ASP C 91 -8.82 23.01 -22.25
N LYS C 92 -8.90 22.65 -20.96
CA LYS C 92 -9.70 21.51 -20.53
C LYS C 92 -11.17 21.67 -20.87
N ASN C 93 -11.64 22.90 -21.08
CA ASN C 93 -13.04 23.11 -21.40
C ASN C 93 -13.39 22.61 -22.79
N ARG C 94 -12.50 22.81 -23.75
CA ARG C 94 -12.75 22.40 -25.14
C ARG C 94 -12.43 20.94 -25.39
N ALA C 95 -11.94 20.20 -24.39
CA ALA C 95 -11.64 18.78 -24.54
C ALA C 95 -12.84 17.93 -24.10
N GLN C 96 -13.94 18.09 -24.85
CA GLN C 96 -15.16 17.36 -24.55
C GLN C 96 -16.06 17.39 -25.78
N PHE C 97 -16.95 16.41 -25.84
CA PHE C 97 -17.97 16.32 -26.88
C PHE C 97 -19.34 16.49 -26.24
N THR C 98 -20.11 17.47 -26.72
CA THR C 98 -21.47 17.68 -26.26
C THR C 98 -22.42 16.85 -27.12
N GLU C 99 -23.07 15.87 -26.51
CA GLU C 99 -23.90 14.90 -27.21
C GLU C 99 -25.37 15.15 -26.94
N THR C 100 -26.21 14.72 -27.88
CA THR C 100 -27.65 14.76 -27.74
C THR C 100 -28.23 13.40 -28.11
N ILE C 101 -29.27 12.99 -27.38
CA ILE C 101 -29.96 11.74 -27.65
C ILE C 101 -31.45 11.94 -27.52
N ARG C 102 -32.21 11.35 -28.43
CA ARG C 102 -33.67 11.38 -28.40
C ARG C 102 -34.18 9.98 -28.75
N ALA C 103 -35.37 9.66 -28.24
CA ALA C 103 -35.96 8.35 -28.44
C ALA C 103 -37.40 8.49 -28.92
N TRP C 104 -37.86 7.48 -29.65
CA TRP C 104 -39.22 7.39 -30.13
C TRP C 104 -39.88 6.13 -29.58
N ASP C 105 -41.17 6.23 -29.26
CA ASP C 105 -41.92 5.06 -28.84
C ASP C 105 -42.59 4.41 -30.05
N ALA C 106 -43.36 3.35 -29.79
CA ALA C 106 -44.03 2.65 -30.88
C ALA C 106 -45.08 3.53 -31.55
N ALA C 107 -45.71 4.44 -30.79
CA ALA C 107 -46.74 5.31 -31.33
C ALA C 107 -46.18 6.48 -32.14
N GLY C 108 -44.88 6.73 -32.07
CA GLY C 108 -44.27 7.81 -32.82
C GLY C 108 -43.94 9.05 -32.02
N ASN C 109 -44.26 9.09 -30.73
CA ASN C 109 -43.93 10.23 -29.90
C ASN C 109 -42.43 10.30 -29.68
N VAL C 110 -41.88 11.52 -29.68
CA VAL C 110 -40.45 11.74 -29.55
C VAL C 110 -40.17 12.38 -28.19
N SER C 111 -39.06 11.98 -27.58
CA SER C 111 -38.65 12.51 -26.29
C SER C 111 -38.00 13.89 -26.46
N SER C 112 -37.60 14.47 -25.34
CA SER C 112 -36.86 15.73 -25.38
C SER C 112 -35.44 15.49 -25.89
N ASN C 113 -34.85 16.53 -26.47
CA ASN C 113 -33.45 16.49 -26.92
C ASN C 113 -32.56 16.74 -25.71
N ILE C 114 -32.31 15.69 -24.95
CA ILE C 114 -31.51 15.80 -23.73
C ILE C 114 -30.03 15.68 -24.11
N THR C 115 -29.18 16.32 -23.31
CA THR C 115 -27.77 16.50 -23.64
C THR C 115 -26.89 15.96 -22.54
N PHE C 116 -25.85 15.22 -22.92
CA PHE C 116 -24.81 14.77 -22.02
C PHE C 116 -23.45 15.03 -22.65
N VAL C 117 -22.41 15.06 -21.81
CA VAL C 117 -21.07 15.46 -22.22
C VAL C 117 -20.12 14.30 -21.98
N ILE C 118 -19.26 14.04 -22.97
CA ILE C 118 -18.19 13.05 -22.86
C ILE C 118 -16.87 13.79 -22.86
N LYS C 119 -16.21 13.82 -21.71
CA LYS C 119 -14.90 14.46 -21.58
C LYS C 119 -13.81 13.45 -21.85
N TYR C 120 -12.81 13.86 -22.63
CA TYR C 120 -11.68 13.01 -22.96
C TYR C 120 -10.38 13.66 -22.52
N ARG C 121 -9.45 12.83 -22.03
CA ARG C 121 -8.21 13.31 -21.43
C ARG C 121 -7.06 12.42 -21.89
N ALA C 122 -5.84 12.94 -21.72
CA ALA C 122 -4.66 12.14 -21.98
C ALA C 122 -4.58 10.99 -20.97
N GLN C 123 -3.92 9.91 -21.39
CA GLN C 123 -3.92 8.69 -20.59
C GLN C 123 -3.20 8.87 -19.25
N THR C 124 -2.19 9.75 -19.20
CA THR C 124 -1.47 9.96 -17.95
C THR C 124 -2.31 10.62 -16.89
N ASP C 125 -3.38 11.33 -17.26
CA ASP C 125 -4.24 11.97 -16.28
C ASP C 125 -4.96 10.95 -15.40
N LYS C 126 -5.01 9.69 -15.82
CA LYS C 126 -5.68 8.64 -15.07
C LYS C 126 -4.76 7.95 -14.07
N TYR C 127 -3.45 8.01 -14.28
CA TYR C 127 -2.51 7.22 -13.51
C TYR C 127 -1.58 8.12 -12.70
N ASN C 128 -1.43 7.80 -11.42
CA ASN C 128 -0.47 8.46 -10.53
C ASN C 128 0.49 7.39 -10.02
N PRO C 129 1.68 7.27 -10.62
CA PRO C 129 2.56 6.15 -10.27
C PRO C 129 3.07 6.24 -8.84
N ALA C 130 3.11 5.08 -8.17
CA ALA C 130 3.62 4.98 -6.81
C ALA C 130 5.12 4.73 -6.83
N ASP C 131 5.79 5.20 -5.78
CA ASP C 131 7.23 5.05 -5.70
C ASP C 131 7.61 3.57 -5.63
N PRO C 132 8.65 3.15 -6.33
CA PRO C 132 9.13 1.77 -6.20
C PRO C 132 9.96 1.63 -4.93
N THR C 133 10.39 0.39 -4.66
CA THR C 133 11.39 0.18 -3.64
C THR C 133 12.72 0.72 -4.14
N ILE C 134 13.48 1.35 -3.24
CA ILE C 134 14.70 2.04 -3.64
C ILE C 134 15.75 1.04 -4.08
N THR C 135 16.39 1.32 -5.21
CA THR C 135 17.47 0.50 -5.74
C THR C 135 18.80 1.16 -5.43
N TYR C 136 19.70 0.42 -4.78
CA TYR C 136 21.02 0.92 -4.48
C TYR C 136 21.91 0.80 -5.72
N VAL C 137 22.48 1.92 -6.15
CA VAL C 137 23.30 1.96 -7.36
C VAL C 137 24.72 2.34 -7.00
N ASP C 138 25.65 2.02 -7.90
CA ASP C 138 27.05 2.32 -7.67
C ASP C 138 27.31 3.83 -7.77
N ARG C 139 26.91 4.44 -8.88
CA ARG C 139 27.06 5.87 -9.10
C ARG C 139 25.69 6.48 -9.38
N LEU C 140 25.34 7.51 -8.61
CA LEU C 140 24.04 8.15 -8.77
C LEU C 140 23.90 8.89 -10.10
N SER C 141 25.02 9.23 -10.75
CA SER C 141 24.98 10.00 -11.99
C SER C 141 25.10 9.14 -13.24
N SER C 142 25.42 7.85 -13.10
CA SER C 142 25.58 6.98 -14.26
C SER C 142 25.20 5.56 -13.82
N LEU C 143 23.94 5.20 -14.06
CA LEU C 143 23.45 3.87 -13.72
C LEU C 143 23.89 2.84 -14.75
N SER C 144 24.23 1.64 -14.27
CA SER C 144 24.63 0.54 -15.14
C SER C 144 23.39 -0.08 -15.77
N PRO C 145 23.58 -0.91 -16.81
CA PRO C 145 22.42 -1.59 -17.40
C PRO C 145 21.68 -2.49 -16.42
N SER C 146 22.42 -3.20 -15.55
CA SER C 146 21.76 -4.04 -14.56
C SER C 146 20.98 -3.21 -13.56
N GLU C 147 21.53 -2.06 -13.16
CA GLU C 147 20.82 -1.18 -12.25
C GLU C 147 19.57 -0.60 -12.89
N LYS C 148 19.59 -0.35 -14.19
CA LYS C 148 18.40 0.13 -14.88
C LYS C 148 17.33 -0.94 -14.95
N ASN C 149 17.74 -2.20 -15.13
CA ASN C 149 16.77 -3.30 -15.13
C ASN C 149 16.11 -3.46 -13.75
N ALA C 150 16.91 -3.35 -12.69
CA ALA C 150 16.35 -3.47 -11.35
C ALA C 150 15.41 -2.32 -11.02
N VAL C 151 15.68 -1.12 -11.54
CA VAL C 151 14.79 0.01 -11.30
C VAL C 151 13.45 -0.21 -12.02
N GLU C 152 13.50 -0.61 -13.29
CA GLU C 152 12.26 -0.83 -14.04
C GLU C 152 11.41 -1.91 -13.40
N ALA C 153 12.05 -3.00 -12.95
CA ALA C 153 11.29 -4.08 -12.31
C ALA C 153 10.64 -3.60 -11.02
N ALA C 154 11.35 -2.78 -10.25
CA ALA C 154 10.78 -2.28 -8.99
C ALA C 154 9.64 -1.30 -9.25
N VAL C 155 9.74 -0.49 -10.31
CA VAL C 155 8.65 0.40 -10.68
C VAL C 155 7.44 -0.40 -11.12
N ARG C 156 7.65 -1.43 -11.94
CA ARG C 156 6.55 -2.26 -12.41
C ARG C 156 5.86 -2.99 -11.26
N ALA C 157 6.65 -3.53 -10.33
CA ALA C 157 6.08 -4.28 -9.21
C ALA C 157 5.24 -3.38 -8.31
N ALA C 158 5.58 -2.09 -8.23
CA ALA C 158 4.87 -1.16 -7.37
C ALA C 158 3.65 -0.53 -8.04
N ASN C 159 3.41 -0.81 -9.31
CA ASN C 159 2.32 -0.19 -10.06
C ASN C 159 1.56 -1.23 -10.86
N PRO C 160 0.73 -2.04 -10.18
CA PRO C 160 -0.07 -3.03 -10.91
C PRO C 160 -1.24 -2.43 -11.67
N GLN C 161 -1.71 -1.23 -11.31
CA GLN C 161 -2.80 -0.61 -12.03
C GLN C 161 -2.36 0.03 -13.34
N ILE C 162 -1.06 0.26 -13.51
CA ILE C 162 -0.55 0.84 -14.75
C ILE C 162 -0.66 -0.18 -15.87
N PRO C 163 -1.08 0.21 -17.08
CA PRO C 163 -1.28 -0.77 -18.16
C PRO C 163 -0.03 -1.57 -18.46
N ALA C 164 -0.23 -2.80 -18.93
CA ALA C 164 0.89 -3.66 -19.30
C ALA C 164 1.62 -3.11 -20.53
N ALA C 165 0.92 -2.37 -21.39
CA ALA C 165 1.54 -1.80 -22.58
C ALA C 165 2.29 -0.50 -22.29
N ALA C 166 2.23 0.00 -21.07
CA ALA C 166 3.03 1.17 -20.70
C ALA C 166 4.49 0.79 -20.63
N ARG C 167 5.34 1.73 -21.01
CA ARG C 167 6.78 1.51 -21.11
C ARG C 167 7.51 2.27 -20.00
N ILE C 168 8.46 1.60 -19.36
CA ILE C 168 9.24 2.17 -18.27
C ILE C 168 10.69 2.24 -18.71
N THR C 169 11.24 3.45 -18.75
CA THR C 169 12.64 3.67 -19.11
C THR C 169 13.34 4.43 -17.99
N VAL C 170 14.63 4.15 -17.83
CA VAL C 170 15.45 4.74 -16.78
C VAL C 170 16.63 5.46 -17.44
N SER C 171 16.79 6.74 -17.11
CA SER C 171 17.87 7.52 -17.69
C SER C 171 19.16 7.30 -16.90
N ALA C 172 20.22 8.02 -17.30
CA ALA C 172 21.54 7.78 -16.71
C ALA C 172 21.56 8.11 -15.24
N ASN C 173 20.92 9.21 -14.83
CA ASN C 173 20.93 9.64 -13.45
C ASN C 173 19.83 9.00 -12.60
N GLY C 174 19.11 8.04 -13.16
CA GLY C 174 18.09 7.33 -12.41
C GLY C 174 16.68 7.86 -12.55
N THR C 175 16.45 8.83 -13.43
CA THR C 175 15.11 9.35 -13.62
C THR C 175 14.24 8.34 -14.36
N VAL C 176 13.04 8.10 -13.85
CA VAL C 176 12.11 7.13 -14.41
C VAL C 176 11.11 7.86 -15.30
N THR C 177 10.91 7.36 -16.52
CA THR C 177 9.88 7.86 -17.42
C THR C 177 8.92 6.73 -17.75
N ILE C 178 7.64 6.95 -17.51
CA ILE C 178 6.59 6.01 -17.87
C ILE C 178 5.88 6.55 -19.10
N THR C 179 5.88 5.79 -20.18
CA THR C 179 5.26 6.21 -21.44
C THR C 179 4.03 5.33 -21.69
N TYR C 180 2.86 5.95 -21.64
CA TYR C 180 1.60 5.26 -21.83
C TYR C 180 1.33 5.06 -23.32
N PRO C 181 0.42 4.14 -23.67
CA PRO C 181 0.20 3.82 -25.09
C PRO C 181 -0.17 5.02 -25.95
N ASP C 182 -0.77 6.06 -25.38
CA ASP C 182 -1.11 7.25 -26.16
C ASP C 182 0.03 8.25 -26.26
N SER C 183 1.23 7.86 -25.81
CA SER C 183 2.48 8.63 -25.83
C SER C 183 2.53 9.71 -24.75
N SER C 184 1.52 9.83 -23.90
CA SER C 184 1.63 10.70 -22.74
C SER C 184 2.54 10.04 -21.70
N THR C 185 3.09 10.88 -20.80
CA THR C 185 4.15 10.42 -19.92
C THR C 185 3.87 10.80 -18.47
N ASP C 186 4.53 10.06 -17.58
CA ASP C 186 4.73 10.41 -16.19
C ASP C 186 6.22 10.39 -15.90
N THR C 187 6.64 11.13 -14.87
CA THR C 187 8.05 11.22 -14.50
C THR C 187 8.20 11.02 -13.00
N ILE C 188 9.17 10.20 -12.62
CA ILE C 188 9.49 9.96 -11.22
C ILE C 188 10.93 10.43 -10.98
N THR C 189 11.09 11.37 -10.05
CA THR C 189 12.41 11.91 -9.77
C THR C 189 13.32 10.82 -9.20
N ALA C 190 14.63 10.98 -9.43
CA ALA C 190 15.58 9.94 -9.06
C ALA C 190 15.65 9.75 -7.54
N ASN C 191 15.43 10.81 -6.77
CA ASN C 191 15.52 10.68 -5.32
CA ASN C 191 15.50 10.71 -5.31
C ASN C 191 14.44 9.78 -4.73
N ARG C 192 13.40 9.47 -5.50
CA ARG C 192 12.37 8.52 -5.07
C ARG C 192 12.61 7.13 -5.62
N VAL C 193 13.77 6.88 -6.23
CA VAL C 193 13.97 5.68 -7.02
C VAL C 193 15.30 5.01 -6.68
N VAL C 194 16.36 5.80 -6.54
CA VAL C 194 17.70 5.27 -6.33
C VAL C 194 18.36 5.94 -5.14
N LYS C 195 19.27 5.20 -4.50
CA LYS C 195 20.10 5.70 -3.41
C LYS C 195 21.52 5.21 -3.62
N ASP C 196 22.48 5.95 -3.07
CA ASP C 196 23.87 5.57 -3.18
C ASP C 196 24.15 4.30 -2.38
N LEU C 197 24.91 3.39 -2.97
CA LEU C 197 25.17 2.10 -2.33
C LEU C 197 26.08 2.25 -1.12
N ALA C 198 27.00 3.21 -1.14
CA ALA C 198 28.00 3.35 -0.10
C ALA C 198 27.56 4.25 1.05
N SER C 199 26.28 4.61 1.12
CA SER C 199 25.78 5.44 2.22
C SER C 199 24.80 4.67 3.08
N ASP D 5 57.54 5.86 18.73
CA ASP D 5 56.48 6.34 17.86
C ASP D 5 56.95 7.57 17.08
N THR D 6 57.15 7.40 15.77
CA THR D 6 57.56 8.48 14.89
C THR D 6 56.59 8.68 13.72
N THR D 7 55.37 8.16 13.84
CA THR D 7 54.37 8.30 12.79
C THR D 7 53.11 8.90 13.38
N PRO D 8 52.53 9.92 12.73
CA PRO D 8 51.33 10.57 13.27
C PRO D 8 50.09 9.73 13.02
N PRO D 9 48.98 10.03 13.69
CA PRO D 9 47.74 9.27 13.47
C PRO D 9 47.22 9.44 12.05
N THR D 10 46.32 8.55 11.66
CA THR D 10 45.68 8.56 10.36
C THR D 10 44.19 8.82 10.56
N ILE D 11 43.64 9.77 9.81
CA ILE D 11 42.25 10.19 9.94
C ILE D 11 41.50 9.84 8.66
N THR D 12 40.35 9.19 8.81
CA THR D 12 39.45 8.89 7.70
C THR D 12 38.23 9.80 7.81
N VAL D 13 37.97 10.57 6.76
CA VAL D 13 36.84 11.50 6.75
C VAL D 13 35.65 10.83 6.08
N PRO D 14 34.42 11.14 6.49
CA PRO D 14 33.26 10.55 5.84
C PRO D 14 33.17 10.94 4.37
N SER D 15 32.55 10.07 3.58
CA SER D 15 32.50 10.27 2.14
C SER D 15 31.72 11.53 1.78
N ASP D 16 30.41 11.54 2.07
CA ASP D 16 29.51 12.61 1.67
C ASP D 16 28.69 13.05 2.87
N ILE D 17 29.18 14.05 3.59
CA ILE D 17 28.44 14.63 4.72
C ILE D 17 27.40 15.59 4.17
N ILE D 18 26.13 15.28 4.41
CA ILE D 18 25.00 16.11 3.98
CA ILE D 18 25.02 16.14 3.99
C ILE D 18 24.20 16.49 5.22
N ALA D 19 24.06 17.79 5.48
CA ALA D 19 23.26 18.30 6.56
C ALA D 19 22.11 19.13 5.98
N TYR D 20 21.06 19.29 6.77
CA TYR D 20 19.87 20.00 6.34
C TYR D 20 19.55 21.11 7.33
N ARG D 21 19.17 22.27 6.80
CA ARG D 21 18.92 23.44 7.62
C ARG D 21 17.84 23.15 8.66
N GLY D 22 18.10 23.55 9.90
CA GLY D 22 17.14 23.32 10.97
C GLY D 22 16.96 21.88 11.37
N GLU D 23 17.86 20.98 10.94
CA GLU D 23 17.79 19.57 11.27
C GLU D 23 19.11 19.15 11.91
N GLU D 24 19.03 18.41 13.00
CA GLU D 24 20.23 17.89 13.64
C GLU D 24 20.90 16.87 12.72
N PHE D 25 22.20 17.00 12.56
CA PHE D 25 23.00 16.07 11.77
C PHE D 25 24.02 15.38 12.67
N GLU D 26 24.66 14.34 12.12
CA GLU D 26 25.74 13.68 12.82
C GLU D 26 26.59 12.90 11.82
N PHE D 27 27.89 12.85 12.10
CA PHE D 27 28.81 12.02 11.33
C PHE D 27 29.98 11.65 12.24
N TYR D 28 30.81 10.73 11.76
CA TYR D 28 31.88 10.17 12.57
C TYR D 28 33.22 10.32 11.87
N PHE D 29 34.22 10.78 12.62
CA PHE D 29 35.60 10.66 12.20
C PHE D 29 36.17 9.35 12.71
N GLU D 30 37.01 8.71 11.90
CA GLU D 30 37.70 7.48 12.28
C GLU D 30 39.20 7.75 12.28
N ILE D 31 39.82 7.59 13.45
CA ILE D 31 41.22 7.94 13.64
C ILE D 31 41.94 6.72 14.20
N THR D 32 42.94 6.24 13.46
CA THR D 32 43.81 5.16 13.91
C THR D 32 45.22 5.68 14.09
N ASP D 33 46.01 4.94 14.85
CA ASP D 33 47.42 5.25 15.01
C ASP D 33 48.20 3.97 15.25
N ASP D 34 49.45 3.95 14.78
CA ASP D 34 50.29 2.77 14.90
C ASP D 34 50.39 2.30 16.35
N SER D 35 50.41 3.24 17.29
CA SER D 35 50.51 2.88 18.70
C SER D 35 49.21 2.30 19.25
N GLY D 36 48.09 2.55 18.57
CA GLY D 36 46.80 2.12 19.06
C GLY D 36 46.12 3.08 20.01
N GLN D 37 46.70 4.24 20.26
CA GLN D 37 46.12 5.23 21.15
C GLN D 37 46.20 6.61 20.52
N VAL D 38 45.08 7.33 20.51
CA VAL D 38 45.03 8.71 20.05
C VAL D 38 44.69 9.59 21.26
N LYS D 39 45.44 10.68 21.41
CA LYS D 39 45.31 11.55 22.57
C LYS D 39 44.23 12.61 22.41
N ASN D 40 44.24 13.35 21.30
CA ASN D 40 43.34 14.49 21.13
C ASN D 40 43.22 14.81 19.65
N ILE D 41 42.16 15.54 19.30
CA ILE D 41 41.94 16.02 17.96
C ILE D 41 41.73 17.54 18.01
N GLU D 42 41.69 18.16 16.83
CA GLU D 42 41.44 19.58 16.73
C GLU D 42 40.74 19.89 15.41
N LEU D 43 39.64 20.64 15.49
CA LEU D 43 38.94 21.12 14.32
C LEU D 43 39.29 22.59 14.09
N SER D 44 39.41 22.98 12.82
CA SER D 44 39.75 24.35 12.49
C SER D 44 39.38 24.61 11.03
N THR D 45 39.49 25.88 10.64
CA THR D 45 39.27 26.29 9.25
C THR D 45 40.65 26.56 8.65
N PHE D 46 41.35 25.47 8.34
CA PHE D 46 42.71 25.54 7.80
C PHE D 46 43.64 26.33 8.71
N GLY D 47 43.51 26.12 10.01
CA GLY D 47 44.36 26.80 10.98
C GLY D 47 43.63 27.79 11.86
N LYS D 48 42.89 28.71 11.25
CA LYS D 48 42.09 29.66 12.00
C LYS D 48 41.06 28.91 12.84
N PRO D 49 40.57 29.53 13.93
CA PRO D 49 39.53 28.89 14.73
C PRO D 49 38.32 28.51 13.88
N LEU D 50 37.59 27.50 14.34
CA LEU D 50 36.53 26.91 13.53
C LEU D 50 35.47 27.94 13.15
N GLY D 51 34.89 28.60 14.15
CA GLY D 51 33.88 29.60 13.86
C GLY D 51 32.52 29.06 13.51
N LEU D 52 32.27 27.77 13.74
CA LEU D 52 30.97 27.16 13.54
C LEU D 52 30.43 26.80 14.92
N ASN D 53 29.78 27.77 15.57
CA ASN D 53 29.30 27.57 16.93
C ASN D 53 28.20 26.50 17.00
N TRP D 54 27.55 26.19 15.88
CA TRP D 54 26.49 25.21 15.83
C TRP D 54 27.01 23.78 15.64
N LEU D 55 28.28 23.55 15.94
CA LEU D 55 28.91 22.25 15.75
C LEU D 55 29.58 21.81 17.04
N GLU D 56 29.65 20.50 17.25
CA GLU D 56 30.17 19.97 18.51
C GLU D 56 30.58 18.52 18.31
N TYR D 57 31.64 18.12 19.01
CA TYR D 57 32.08 16.74 19.05
C TYR D 57 32.33 16.33 20.49
N SER D 58 32.30 15.03 20.74
CA SER D 58 32.47 14.48 22.09
C SER D 58 33.89 13.94 22.25
N GLU D 59 34.49 14.21 23.41
CA GLU D 59 35.83 13.73 23.73
C GLU D 59 35.81 12.41 24.49
N ASP D 60 34.92 11.49 24.11
CA ASP D 60 34.85 10.20 24.77
C ASP D 60 36.00 9.31 24.36
N ASN D 61 36.57 8.59 25.32
CA ASN D 61 37.65 7.62 25.11
C ASN D 61 38.89 8.26 24.51
N PHE D 62 39.06 9.57 24.68
CA PHE D 62 40.29 10.23 24.24
C PHE D 62 41.42 9.93 25.23
N ASN D 63 42.61 9.70 24.69
CA ASN D 63 43.81 9.44 25.48
C ASN D 63 43.58 8.25 26.43
N VAL D 64 43.10 7.15 25.86
CA VAL D 64 42.84 5.92 26.60
C VAL D 64 43.52 4.77 25.86
N PRO D 65 44.27 3.90 26.54
CA PRO D 65 45.01 2.85 25.85
C PRO D 65 44.08 1.93 25.05
N GLY D 66 44.43 1.73 23.78
CA GLY D 66 43.68 0.84 22.92
C GLY D 66 42.44 1.43 22.30
N ASN D 67 42.32 2.76 22.25
CA ASN D 67 41.13 3.40 21.73
C ASN D 67 41.21 3.70 20.24
N ALA D 68 42.33 3.38 19.58
CA ALA D 68 42.50 3.72 18.18
C ALA D 68 43.42 2.71 17.49
N THR D 69 43.12 1.43 17.65
CA THR D 69 43.84 0.40 16.92
C THR D 69 43.29 0.25 15.52
N SER D 70 44.04 -0.43 14.66
CA SER D 70 43.60 -0.63 13.28
C SER D 70 42.31 -1.44 13.22
N ASP D 71 42.14 -2.39 14.14
CA ASP D 71 40.92 -3.19 14.14
C ASP D 71 39.74 -2.46 14.77
N ASN D 72 40.00 -1.55 15.71
CA ASN D 72 38.96 -0.81 16.42
C ASN D 72 39.34 0.66 16.47
N PRO D 73 39.06 1.41 15.41
CA PRO D 73 39.45 2.82 15.37
C PRO D 73 38.63 3.68 16.32
N LEU D 74 39.16 4.87 16.59
CA LEU D 74 38.46 5.85 17.42
C LEU D 74 37.41 6.57 16.59
N ARG D 75 36.14 6.40 16.96
CA ARG D 75 35.02 6.99 16.24
C ARG D 75 34.56 8.23 16.99
N VAL D 76 34.92 9.40 16.47
CA VAL D 76 34.58 10.68 17.09
C VAL D 76 33.27 11.17 16.48
N ARG D 77 32.22 11.22 17.29
CA ARG D 77 30.92 11.65 16.82
C ARG D 77 30.85 13.18 16.80
N VAL D 78 30.49 13.74 15.65
CA VAL D 78 30.34 15.18 15.48
C VAL D 78 28.88 15.45 15.12
N HIS D 79 28.25 16.36 15.84
CA HIS D 79 26.83 16.65 15.65
C HIS D 79 26.59 18.15 15.77
N GLY D 80 25.43 18.57 15.28
CA GLY D 80 25.07 19.98 15.33
C GLY D 80 23.82 20.24 14.51
N THR D 81 23.61 21.52 14.18
CA THR D 81 22.44 21.92 13.42
C THR D 81 22.81 23.14 12.57
N VAL D 82 22.71 22.99 11.26
CA VAL D 82 22.94 24.12 10.35
C VAL D 82 21.85 25.17 10.58
N PRO D 83 22.20 26.45 10.65
CA PRO D 83 21.19 27.48 10.93
C PRO D 83 20.00 27.39 9.98
N LEU D 84 18.81 27.70 10.52
CA LEU D 84 17.58 27.60 9.76
C LEU D 84 17.63 28.38 8.46
N ASN D 85 18.20 29.57 8.49
CA ASN D 85 18.14 30.51 7.39
C ASN D 85 19.48 30.69 6.68
N GLU D 86 20.34 29.68 6.76
CA GLU D 86 21.61 29.73 6.06
C GLU D 86 21.36 29.81 4.56
N PRO D 87 21.76 30.88 3.87
CA PRO D 87 21.40 31.04 2.47
C PRO D 87 22.06 29.99 1.58
N ILE D 88 21.27 29.47 0.65
CA ILE D 88 21.71 28.43 -0.28
C ILE D 88 21.65 29.00 -1.69
N PRO D 89 22.75 29.06 -2.42
CA PRO D 89 22.71 29.51 -3.82
C PRO D 89 21.99 28.50 -4.69
N ALA D 90 21.67 28.94 -5.91
CA ALA D 90 20.98 28.07 -6.86
C ALA D 90 21.83 26.85 -7.21
N ASP D 91 23.13 27.04 -7.42
CA ASP D 91 24.06 25.94 -7.57
C ASP D 91 24.45 25.43 -6.20
N LYS D 92 23.91 24.27 -5.81
CA LYS D 92 24.09 23.70 -4.48
C LYS D 92 25.51 23.20 -4.22
N ASN D 93 26.46 23.41 -5.12
CA ASN D 93 27.83 22.99 -4.89
C ASN D 93 28.67 24.04 -4.15
N ARG D 94 28.20 25.28 -4.07
CA ARG D 94 28.80 26.24 -3.15
C ARG D 94 28.22 26.14 -1.75
N ALA D 95 27.11 25.42 -1.58
CA ALA D 95 26.46 25.29 -0.29
C ALA D 95 27.16 24.21 0.52
N GLN D 96 28.36 24.55 0.99
CA GLN D 96 29.16 23.61 1.77
C GLN D 96 30.19 24.37 2.58
N PHE D 97 30.56 23.79 3.72
CA PHE D 97 31.63 24.30 4.56
C PHE D 97 32.83 23.38 4.48
N THR D 98 34.00 23.94 4.17
CA THR D 98 35.24 23.18 4.08
C THR D 98 36.08 23.49 5.32
N GLU D 99 36.27 22.48 6.17
CA GLU D 99 37.03 22.62 7.41
C GLU D 99 38.15 21.58 7.43
N THR D 100 38.95 21.62 8.49
CA THR D 100 40.10 20.73 8.62
C THR D 100 40.13 20.11 10.01
N ILE D 101 40.77 18.95 10.11
CA ILE D 101 40.92 18.22 11.36
C ILE D 101 42.31 17.60 11.41
N ARG D 102 42.92 17.61 12.60
CA ARG D 102 44.16 16.91 12.86
C ARG D 102 44.07 16.24 14.22
N ALA D 103 45.00 15.33 14.50
CA ALA D 103 44.97 14.58 15.74
C ALA D 103 46.38 14.26 16.20
N TRP D 104 46.49 13.91 17.48
CA TRP D 104 47.75 13.54 18.11
C TRP D 104 47.66 12.11 18.61
N ASP D 105 48.76 11.35 18.47
CA ASP D 105 48.84 10.07 19.16
C ASP D 105 49.42 10.30 20.56
N ALA D 106 49.57 9.20 21.31
CA ALA D 106 50.00 9.32 22.70
C ALA D 106 51.41 9.88 22.85
N ALA D 107 52.22 9.84 21.80
CA ALA D 107 53.58 10.33 21.85
C ALA D 107 53.70 11.81 21.50
N GLY D 108 52.60 12.46 21.14
CA GLY D 108 52.63 13.87 20.80
C GLY D 108 52.76 14.17 19.32
N ASN D 109 52.89 13.15 18.48
CA ASN D 109 52.99 13.38 17.04
C ASN D 109 51.63 13.79 16.48
N VAL D 110 51.61 14.90 15.74
CA VAL D 110 50.38 15.45 15.18
C VAL D 110 50.37 15.22 13.67
N SER D 111 49.20 14.87 13.14
CA SER D 111 49.04 14.69 11.72
C SER D 111 48.88 16.04 11.02
N SER D 112 48.87 16.00 9.70
CA SER D 112 48.57 17.19 8.92
C SER D 112 47.07 17.47 8.98
N ASN D 113 46.69 18.67 8.53
CA ASN D 113 45.28 19.04 8.49
C ASN D 113 44.59 18.28 7.37
N ILE D 114 43.61 17.45 7.72
CA ILE D 114 42.81 16.70 6.75
C ILE D 114 41.49 17.42 6.58
N THR D 115 41.12 17.66 5.32
CA THR D 115 39.92 18.44 5.01
C THR D 115 38.68 17.57 4.97
N PHE D 116 37.58 18.09 5.51
CA PHE D 116 36.27 17.47 5.39
C PHE D 116 35.26 18.54 5.00
N VAL D 117 34.24 18.12 4.27
CA VAL D 117 33.27 19.03 3.66
C VAL D 117 31.89 18.75 4.27
N ILE D 118 31.28 19.78 4.84
CA ILE D 118 29.92 19.70 5.35
C ILE D 118 29.01 20.40 4.34
N LYS D 119 28.25 19.61 3.60
CA LYS D 119 27.28 20.15 2.65
C LYS D 119 25.95 20.36 3.35
N TYR D 120 25.36 21.54 3.15
CA TYR D 120 24.06 21.86 3.72
C TYR D 120 23.05 22.07 2.60
N ARG D 121 21.85 21.53 2.80
CA ARG D 121 20.78 21.60 1.82
C ARG D 121 19.50 22.06 2.51
N ALA D 122 18.54 22.51 1.69
CA ALA D 122 17.24 22.88 2.22
C ALA D 122 16.55 21.66 2.81
N GLN D 123 15.60 21.93 3.71
CA GLN D 123 14.93 20.82 4.40
C GLN D 123 14.15 19.95 3.43
N THR D 124 13.62 20.53 2.35
CA THR D 124 12.84 19.73 1.40
C THR D 124 13.70 18.73 0.65
N ASP D 125 15.01 18.97 0.53
CA ASP D 125 15.88 18.00 -0.14
C ASP D 125 15.96 16.68 0.61
N LYS D 126 15.62 16.67 1.90
CA LYS D 126 15.68 15.45 2.69
C LYS D 126 14.41 14.61 2.58
N TYR D 127 13.28 15.23 2.24
CA TYR D 127 11.98 14.58 2.35
C TYR D 127 11.34 14.38 0.98
N ASN D 128 10.84 13.17 0.75
CA ASN D 128 10.00 12.83 -0.39
C ASN D 128 8.65 12.41 0.17
N PRO D 129 7.70 13.34 0.31
CA PRO D 129 6.44 13.02 0.99
C PRO D 129 5.69 11.89 0.30
N ALA D 130 5.05 11.05 1.12
CA ALA D 130 4.27 9.93 0.63
C ALA D 130 2.82 10.36 0.42
N ASP D 131 2.17 9.73 -0.55
CA ASP D 131 0.77 10.04 -0.83
C ASP D 131 -0.10 9.67 0.37
N PRO D 132 -1.11 10.47 0.69
CA PRO D 132 -2.04 10.11 1.75
C PRO D 132 -3.18 9.25 1.21
N THR D 133 -4.03 8.79 2.13
CA THR D 133 -5.26 8.13 1.75
C THR D 133 -6.18 9.12 1.04
N ILE D 134 -6.83 8.65 -0.03
CA ILE D 134 -7.69 9.52 -0.82
C ILE D 134 -8.82 10.04 0.05
N THR D 135 -9.05 11.36 -0.01
CA THR D 135 -10.17 12.01 0.67
C THR D 135 -11.21 12.37 -0.38
N TYR D 136 -12.39 11.77 -0.26
CA TYR D 136 -13.48 12.07 -1.19
C TYR D 136 -14.12 13.40 -0.83
N VAL D 137 -14.35 14.24 -1.84
CA VAL D 137 -14.87 15.58 -1.65
C VAL D 137 -16.13 15.75 -2.49
N ASP D 138 -16.97 16.71 -2.06
CA ASP D 138 -18.21 16.98 -2.79
C ASP D 138 -17.94 17.79 -4.06
N ARG D 139 -16.97 18.69 -4.02
CA ARG D 139 -16.60 19.51 -5.17
C ARG D 139 -15.09 19.48 -5.33
N LEU D 140 -14.62 18.91 -6.46
CA LEU D 140 -13.18 18.81 -6.68
C LEU D 140 -12.52 20.18 -6.76
N SER D 141 -13.25 21.21 -7.17
CA SER D 141 -12.68 22.54 -7.33
C SER D 141 -12.85 23.42 -6.10
N SER D 142 -13.66 23.01 -5.12
CA SER D 142 -13.90 23.82 -3.93
C SER D 142 -14.08 22.89 -2.75
N LEU D 143 -13.01 22.68 -1.98
CA LEU D 143 -13.07 21.83 -0.81
C LEU D 143 -13.64 22.59 0.38
N SER D 144 -14.38 21.87 1.23
CA SER D 144 -14.98 22.44 2.42
C SER D 144 -13.95 22.48 3.55
N PRO D 145 -14.23 23.23 4.62
CA PRO D 145 -13.29 23.24 5.76
C PRO D 145 -13.04 21.87 6.36
N SER D 146 -14.09 21.06 6.52
CA SER D 146 -13.90 19.73 7.09
C SER D 146 -13.17 18.80 6.13
N GLU D 147 -13.33 19.02 4.82
CA GLU D 147 -12.59 18.22 3.85
C GLU D 147 -11.10 18.57 3.88
N LYS D 148 -10.77 19.85 4.06
CA LYS D 148 -9.37 20.24 4.18
C LYS D 148 -8.74 19.67 5.44
N ASN D 149 -9.50 19.62 6.53
CA ASN D 149 -8.98 19.03 7.76
C ASN D 149 -8.74 17.54 7.60
N ALA D 150 -9.66 16.84 6.92
CA ALA D 150 -9.46 15.42 6.68
C ALA D 150 -8.27 15.16 5.77
N VAL D 151 -7.98 16.08 4.85
CA VAL D 151 -6.81 15.93 3.99
C VAL D 151 -5.53 16.11 4.80
N GLU D 152 -5.46 17.18 5.60
CA GLU D 152 -4.25 17.46 6.37
C GLU D 152 -3.95 16.33 7.35
N ALA D 153 -4.98 15.76 7.97
CA ALA D 153 -4.77 14.63 8.88
C ALA D 153 -4.28 13.41 8.12
N ALA D 154 -4.77 13.19 6.91
CA ALA D 154 -4.34 12.05 6.12
C ALA D 154 -2.90 12.21 5.65
N VAL D 155 -2.52 13.43 5.25
CA VAL D 155 -1.14 13.68 4.84
C VAL D 155 -0.20 13.52 6.03
N ARG D 156 -0.57 14.08 7.18
CA ARG D 156 0.25 13.95 8.37
C ARG D 156 0.41 12.49 8.78
N ALA D 157 -0.66 11.70 8.66
CA ALA D 157 -0.60 10.30 9.06
C ALA D 157 0.30 9.50 8.13
N ALA D 158 0.41 9.88 6.87
CA ALA D 158 1.24 9.18 5.91
C ALA D 158 2.69 9.66 5.91
N ASN D 159 3.03 10.67 6.71
CA ASN D 159 4.37 11.25 6.74
C ASN D 159 4.77 11.53 8.19
N PRO D 160 5.10 10.49 8.95
CA PRO D 160 5.63 10.73 10.30
C PRO D 160 7.08 11.19 10.30
N GLN D 161 7.78 11.08 9.18
CA GLN D 161 9.20 11.42 9.13
C GLN D 161 9.45 12.91 8.95
N ILE D 162 8.48 13.66 8.41
CA ILE D 162 8.64 15.10 8.26
C ILE D 162 8.51 15.73 9.64
N PRO D 163 9.16 16.86 9.91
CA PRO D 163 9.08 17.45 11.25
C PRO D 163 7.66 17.85 11.62
N ALA D 164 7.35 17.74 12.91
CA ALA D 164 6.03 18.14 13.39
C ALA D 164 5.78 19.62 13.14
N ALA D 165 6.83 20.44 13.16
CA ALA D 165 6.68 21.87 12.92
C ALA D 165 6.39 22.19 11.47
N ALA D 166 6.55 21.25 10.55
CA ALA D 166 6.18 21.46 9.16
C ALA D 166 4.67 21.64 9.05
N ARG D 167 4.26 22.72 8.39
CA ARG D 167 2.84 23.04 8.27
C ARG D 167 2.29 22.49 6.97
N ILE D 168 1.11 21.88 7.04
CA ILE D 168 0.45 21.27 5.89
C ILE D 168 -0.80 22.09 5.60
N THR D 169 -0.82 22.74 4.45
CA THR D 169 -1.96 23.52 4.00
C THR D 169 -2.59 22.86 2.77
N VAL D 170 -3.90 23.09 2.61
CA VAL D 170 -4.67 22.52 1.52
C VAL D 170 -5.41 23.65 0.82
N SER D 171 -5.30 23.71 -0.51
CA SER D 171 -5.95 24.76 -1.28
C SER D 171 -7.37 24.35 -1.64
N ALA D 172 -8.06 25.21 -2.38
CA ALA D 172 -9.47 24.98 -2.69
C ALA D 172 -9.68 23.75 -3.54
N ASN D 173 -8.72 23.42 -4.41
CA ASN D 173 -8.85 22.28 -5.31
C ASN D 173 -8.19 21.02 -4.77
N GLY D 174 -7.68 21.06 -3.54
CA GLY D 174 -7.08 19.90 -2.91
C GLY D 174 -5.58 19.80 -3.03
N THR D 175 -4.92 20.80 -3.61
CA THR D 175 -3.46 20.77 -3.69
C THR D 175 -2.87 20.88 -2.29
N VAL D 176 -1.88 20.02 -2.00
CA VAL D 176 -1.27 19.94 -0.69
C VAL D 176 0.08 20.64 -0.73
N THR D 177 0.34 21.50 0.25
CA THR D 177 1.62 22.19 0.39
C THR D 177 2.20 21.89 1.76
N ILE D 178 3.44 21.40 1.77
CA ILE D 178 4.18 21.14 3.00
C ILE D 178 5.28 22.18 3.10
N THR D 179 5.17 23.10 4.05
CA THR D 179 6.14 24.16 4.25
C THR D 179 6.98 23.84 5.47
N TYR D 180 8.26 23.58 5.26
CA TYR D 180 9.17 23.17 6.32
C TYR D 180 9.65 24.37 7.12
N PRO D 181 10.19 24.14 8.32
CA PRO D 181 10.66 25.27 9.16
C PRO D 181 11.65 26.21 8.46
N ASP D 182 12.49 25.70 7.56
CA ASP D 182 13.42 26.55 6.84
C ASP D 182 12.79 27.27 5.65
N SER D 183 11.46 27.22 5.53
CA SER D 183 10.64 27.84 4.50
C SER D 183 10.75 27.15 3.14
N SER D 184 11.50 26.06 3.02
CA SER D 184 11.42 25.25 1.82
C SER D 184 10.12 24.45 1.80
N THR D 185 9.72 24.01 0.62
CA THR D 185 8.38 23.45 0.45
C THR D 185 8.42 22.16 -0.36
N ASP D 186 7.36 21.38 -0.18
CA ASP D 186 7.00 20.25 -1.02
C ASP D 186 5.58 20.45 -1.53
N THR D 187 5.22 19.73 -2.59
CA THR D 187 3.91 19.87 -3.20
C THR D 187 3.41 18.50 -3.68
N ILE D 188 2.18 18.16 -3.29
CA ILE D 188 1.52 16.93 -3.72
C ILE D 188 0.33 17.33 -4.59
N THR D 189 0.27 16.78 -5.80
CA THR D 189 -0.78 17.15 -6.75
C THR D 189 -2.15 16.71 -6.23
N ALA D 190 -3.18 17.44 -6.66
CA ALA D 190 -4.52 17.20 -6.16
C ALA D 190 -5.04 15.82 -6.54
N ASN D 191 -4.66 15.31 -7.71
CA ASN D 191 -5.16 14.02 -8.16
C ASN D 191 -4.60 12.86 -7.34
N ARG D 192 -3.57 13.08 -6.53
CA ARG D 192 -3.08 12.09 -5.58
C ARG D 192 -3.71 12.25 -4.21
N VAL D 193 -4.57 13.25 -4.02
CA VAL D 193 -5.07 13.63 -2.70
C VAL D 193 -6.57 13.48 -2.59
N VAL D 194 -7.33 13.92 -3.59
CA VAL D 194 -8.77 13.97 -3.51
C VAL D 194 -9.40 13.35 -4.75
N LYS D 195 -10.60 12.81 -4.58
CA LYS D 195 -11.41 12.31 -5.68
C LYS D 195 -12.86 12.71 -5.43
N ASP D 196 -13.63 12.79 -6.51
CA ASP D 196 -15.04 13.15 -6.38
C ASP D 196 -15.80 12.07 -5.63
N LEU D 197 -16.78 12.49 -4.81
CA LEU D 197 -17.48 11.56 -3.95
C LEU D 197 -18.40 10.64 -4.75
N ALA D 198 -18.91 11.10 -5.88
CA ALA D 198 -19.82 10.31 -6.71
C ALA D 198 -19.12 9.08 -7.28
#